data_6TT9
#
_entry.id   6TT9
#
_cell.length_a   57.572
_cell.length_b   64.472
_cell.length_c   67.590
_cell.angle_alpha   96.352
_cell.angle_beta   101.952
_cell.angle_gamma   97.268
#
_symmetry.space_group_name_H-M   'P 1'
#
loop_
_entity.id
_entity.type
_entity.pdbx_description
1 polymer Phytohemagglutinin
2 branched alpha-D-mannopyranose-(1-2)-alpha-D-mannopyranose-(1-6)-[alpha-D-mannopyranose-(1-3)]alpha-D-mannopyranose-(1-6)-[alpha-D-mannopyranose-(1-3)]beta-D-mannopyranose-(1-4)-2-acetamido-2-deoxy-beta-D-glucopyranose-(1-4)-2-acetamido-2-deoxy-beta-D-glucopyranose
3 branched 2-acetamido-2-deoxy-beta-D-glucopyranose-(1-4)-2-acetamido-2-deoxy-beta-D-glucopyranose
4 branched alpha-D-mannopyranose-(1-2)-alpha-D-mannopyranose-(1-6)-alpha-D-mannopyranose-(1-6)-beta-D-mannopyranose-(1-4)-2-acetamido-2-deoxy-beta-D-glucopyranose-(1-4)-2-acetamido-2-deoxy-beta-D-glucopyranose
5 non-polymer 'CALCIUM ION'
6 non-polymer 'MANGANESE (II) ION'
7 non-polymer HEXANE
8 water water
#
_entity_poly.entity_id   1
_entity_poly.type   'polypeptide(L)'
_entity_poly.pdbx_seq_one_letter_code
;EAEAAASANDISFNFQRFNETNLILQGDASVSSSGQLRLTNLNDNGEPTLSSLGRAFYSTPIQIWDSTTGAVASFATSFT
FNIRVPNNAGPADGLAFALVPVGSKPKDRGGLLGLFDGSDSKAHTVAVEFDTLYNRDWDPRERHIGIDVNSIKSIKTTPW
DFVNGEDAEVLITYDSSTKLLVASLVYPSQKTSFIVSDTVDLKSVLPEWVSVGFSATSGISKGNVETNDLLSWSFASKLS
DGTTSEGLNHHHHHH
;
_entity_poly.pdbx_strand_id   AAA,BBB,CCC,DDD
#
loop_
_chem_comp.id
_chem_comp.type
_chem_comp.name
_chem_comp.formula
BMA D-saccharide, beta linking beta-D-mannopyranose 'C6 H12 O6'
CA non-polymer 'CALCIUM ION' 'Ca 2'
HEX non-polymer HEXANE 'C6 H14'
MAN D-saccharide, alpha linking alpha-D-mannopyranose 'C6 H12 O6'
MN non-polymer 'MANGANESE (II) ION' 'Mn 2'
NAG D-saccharide, beta linking 2-acetamido-2-deoxy-beta-D-glucopyranose 'C8 H15 N O6'
#
# COMPACT_ATOMS: atom_id res chain seq x y z
N ALA A 8 5.14 -16.33 0.08
CA ALA A 8 4.24 -15.24 -0.46
C ALA A 8 4.69 -14.81 -1.88
N ASN A 9 3.70 -14.32 -2.62
CA ASN A 9 3.84 -13.90 -4.03
C ASN A 9 2.78 -12.81 -4.29
N ASP A 10 3.05 -11.55 -3.92
CA ASP A 10 2.08 -10.43 -4.11
C ASP A 10 2.50 -9.61 -5.31
N ILE A 11 1.51 -9.01 -5.95
CA ILE A 11 1.74 -8.18 -7.13
C ILE A 11 0.67 -7.11 -7.11
N SER A 12 1.05 -5.91 -7.53
CA SER A 12 0.15 -4.74 -7.55
C SER A 12 0.57 -3.92 -8.76
N PHE A 13 -0.36 -3.39 -9.54
CA PHE A 13 0.00 -2.42 -10.59
C PHE A 13 -1.11 -1.44 -10.74
N ASN A 14 -0.77 -0.28 -11.30
CA ASN A 14 -1.75 0.81 -11.47
C ASN A 14 -1.41 1.47 -12.80
N PHE A 15 -2.28 1.39 -13.79
CA PHE A 15 -2.07 2.05 -15.11
C PHE A 15 -3.11 3.15 -15.26
N GLN A 16 -2.74 4.40 -15.21
CA GLN A 16 -3.63 5.52 -15.57
C GLN A 16 -3.55 5.78 -17.09
N ARG A 17 -2.46 5.36 -17.70
CA ARG A 17 -2.28 5.35 -19.18
C ARG A 17 -1.80 3.94 -19.52
N PHE A 18 -2.26 3.38 -20.61
CA PHE A 18 -1.79 2.07 -21.10
C PHE A 18 -0.58 2.24 -21.99
N ASN A 19 0.22 1.19 -21.98
CA ASN A 19 1.33 1.04 -22.93
C ASN A 19 1.38 -0.42 -23.35
N GLU A 20 1.65 -0.68 -24.63
N GLU A 20 1.65 -0.72 -24.62
CA GLU A 20 1.81 -2.05 -25.21
CA GLU A 20 1.71 -2.13 -25.08
C GLU A 20 2.90 -2.85 -24.49
C GLU A 20 2.91 -2.87 -24.49
N THR A 21 3.91 -2.17 -23.93
CA THR A 21 5.17 -2.83 -23.48
C THR A 21 4.87 -3.86 -22.38
N ASN A 22 3.85 -3.63 -21.55
CA ASN A 22 3.57 -4.55 -20.40
C ASN A 22 2.22 -5.26 -20.62
N LEU A 23 1.77 -5.38 -21.86
CA LEU A 23 0.53 -6.12 -22.22
C LEU A 23 0.83 -7.21 -23.28
N ILE A 24 0.15 -8.35 -23.16
CA ILE A 24 -0.07 -9.30 -24.27
C ILE A 24 -1.41 -8.95 -24.93
N LEU A 25 -1.34 -8.45 -26.16
CA LEU A 25 -2.51 -8.09 -26.99
C LEU A 25 -2.83 -9.27 -27.90
N GLN A 26 -4.10 -9.58 -28.05
CA GLN A 26 -4.58 -10.69 -28.90
C GLN A 26 -5.71 -10.15 -29.78
N GLY A 27 -5.85 -10.73 -30.99
CA GLY A 27 -6.89 -10.42 -31.97
C GLY A 27 -6.82 -8.96 -32.35
N ASP A 28 -7.90 -8.21 -32.15
CA ASP A 28 -8.01 -6.81 -32.62
C ASP A 28 -7.49 -5.81 -31.58
N ALA A 29 -7.05 -6.25 -30.42
CA ALA A 29 -6.72 -5.28 -29.32
C ALA A 29 -5.53 -4.41 -29.71
N SER A 30 -5.60 -3.12 -29.40
CA SER A 30 -4.50 -2.18 -29.63
C SER A 30 -4.42 -1.20 -28.47
N VAL A 31 -3.28 -0.52 -28.36
CA VAL A 31 -3.14 0.66 -27.48
C VAL A 31 -3.04 1.89 -28.37
N SER A 32 -3.91 2.87 -28.16
CA SER A 32 -3.99 4.12 -28.95
C SER A 32 -2.80 5.02 -28.57
N SER A 33 -2.54 6.05 -29.37
CA SER A 33 -1.41 6.96 -29.12
C SER A 33 -1.73 7.82 -27.91
N SER A 34 -3.01 7.92 -27.54
CA SER A 34 -3.45 8.61 -26.30
C SER A 34 -3.37 7.67 -25.08
N GLY A 35 -2.94 6.42 -25.24
CA GLY A 35 -2.82 5.46 -24.11
C GLY A 35 -4.15 4.85 -23.64
N GLN A 36 -5.12 4.69 -24.54
CA GLN A 36 -6.35 3.91 -24.27
C GLN A 36 -6.16 2.49 -24.77
N LEU A 37 -6.65 1.52 -24.02
CA LEU A 37 -6.67 0.12 -24.46
C LEU A 37 -7.98 -0.10 -25.21
N ARG A 38 -7.91 -0.20 -26.53
CA ARG A 38 -9.08 -0.41 -27.42
CA ARG A 38 -9.07 -0.40 -27.44
C ARG A 38 -9.16 -1.90 -27.75
N LEU A 39 -10.07 -2.62 -27.09
CA LEU A 39 -10.05 -4.09 -27.17
C LEU A 39 -10.54 -4.54 -28.55
N THR A 40 -11.40 -3.78 -29.18
CA THR A 40 -12.04 -4.18 -30.44
C THR A 40 -11.74 -3.10 -31.48
N ASN A 41 -11.87 -3.49 -32.72
CA ASN A 41 -11.37 -2.75 -33.90
C ASN A 41 -12.20 -1.47 -34.14
N LEU A 42 -11.51 -0.36 -34.32
CA LEU A 42 -12.07 0.92 -34.84
C LEU A 42 -11.51 1.12 -36.26
N ASN A 43 -12.33 1.56 -37.23
CA ASN A 43 -11.82 2.01 -38.56
C ASN A 43 -11.09 3.33 -38.32
N ASP A 44 -10.50 3.93 -39.34
CA ASP A 44 -9.64 5.14 -39.22
C ASP A 44 -10.52 6.33 -38.79
N ASN A 45 -11.85 6.25 -38.98
CA ASN A 45 -12.77 7.34 -38.52
C ASN A 45 -13.22 7.10 -37.07
N GLY A 46 -12.67 6.12 -36.38
CA GLY A 46 -12.98 5.85 -34.96
C GLY A 46 -14.32 5.14 -34.80
N GLU A 47 -14.87 4.53 -35.86
CA GLU A 47 -16.15 3.78 -35.79
C GLU A 47 -15.87 2.29 -35.66
N PRO A 48 -16.59 1.64 -34.70
CA PRO A 48 -16.36 0.23 -34.41
C PRO A 48 -16.86 -0.63 -35.56
N THR A 49 -16.16 -1.74 -35.85
CA THR A 49 -16.49 -2.69 -36.93
C THR A 49 -17.12 -3.96 -36.34
N LEU A 50 -17.84 -4.68 -37.18
CA LEU A 50 -18.56 -5.93 -36.87
C LEU A 50 -17.58 -7.08 -36.72
N SER A 51 -17.97 -8.05 -35.91
CA SER A 51 -17.25 -9.34 -35.73
C SER A 51 -15.82 -9.13 -35.21
N SER A 52 -15.57 -8.04 -34.49
CA SER A 52 -14.28 -7.79 -33.82
C SER A 52 -14.16 -8.62 -32.53
N LEU A 53 -12.92 -9.02 -32.22
CA LEU A 53 -12.57 -9.81 -31.01
C LEU A 53 -11.14 -9.39 -30.64
N GLY A 54 -10.97 -8.89 -29.42
CA GLY A 54 -9.66 -8.57 -28.86
C GLY A 54 -9.61 -8.98 -27.41
N ARG A 55 -8.40 -9.27 -26.97
CA ARG A 55 -8.07 -9.50 -25.56
C ARG A 55 -6.75 -8.82 -25.26
N ALA A 56 -6.54 -8.61 -23.97
CA ALA A 56 -5.31 -7.96 -23.48
C ALA A 56 -5.07 -8.39 -22.06
N PHE A 57 -3.84 -8.82 -21.77
CA PHE A 57 -3.47 -9.35 -20.46
C PHE A 57 -2.22 -8.66 -19.98
N TYR A 58 -2.15 -8.45 -18.68
CA TYR A 58 -0.85 -8.11 -18.05
C TYR A 58 0.18 -9.19 -18.47
N SER A 59 1.38 -8.77 -18.83
CA SER A 59 2.36 -9.64 -19.50
C SER A 59 3.07 -10.58 -18.55
N THR A 60 2.89 -10.50 -17.22
CA THR A 60 3.40 -11.55 -16.31
C THR A 60 2.26 -12.32 -15.63
N PRO A 61 2.32 -13.67 -15.59
CA PRO A 61 1.29 -14.45 -14.91
C PRO A 61 1.23 -14.14 -13.44
N ILE A 62 0.04 -14.32 -12.89
CA ILE A 62 -0.27 -14.13 -11.46
C ILE A 62 -0.45 -15.51 -10.85
N GLN A 63 0.13 -15.76 -9.69
CA GLN A 63 -0.14 -16.99 -8.93
C GLN A 63 -1.44 -16.84 -8.11
N ILE A 64 -2.45 -17.62 -8.45
CA ILE A 64 -3.81 -17.59 -7.88
C ILE A 64 -3.91 -18.58 -6.71
N TRP A 65 -3.19 -19.70 -6.77
CA TRP A 65 -3.19 -20.68 -5.65
C TRP A 65 -1.94 -21.53 -5.75
N ASP A 66 -1.60 -22.24 -4.68
CA ASP A 66 -0.38 -23.06 -4.56
C ASP A 66 -0.80 -24.46 -4.12
N SER A 67 -0.45 -25.48 -4.91
CA SER A 67 -0.89 -26.89 -4.66
C SER A 67 -0.11 -27.48 -3.50
N THR A 68 1.16 -27.11 -3.32
CA THR A 68 1.98 -27.56 -2.15
C THR A 68 1.30 -27.09 -0.84
N THR A 69 0.92 -25.80 -0.71
CA THR A 69 0.47 -25.18 0.57
C THR A 69 -1.05 -25.15 0.72
N GLY A 70 -1.83 -25.27 -0.37
CA GLY A 70 -3.29 -25.10 -0.37
C GLY A 70 -3.75 -23.63 -0.30
N ALA A 71 -2.83 -22.66 -0.15
CA ALA A 71 -3.13 -21.21 -0.15
C ALA A 71 -3.84 -20.77 -1.45
N VAL A 72 -4.81 -19.88 -1.34
CA VAL A 72 -5.51 -19.24 -2.49
C VAL A 72 -5.30 -17.72 -2.38
N ALA A 73 -5.11 -17.05 -3.50
CA ALA A 73 -5.00 -15.59 -3.53
C ALA A 73 -6.34 -14.92 -3.27
N SER A 74 -6.26 -13.77 -2.62
CA SER A 74 -7.31 -12.74 -2.60
C SER A 74 -6.84 -11.70 -3.62
N PHE A 75 -7.77 -11.04 -4.31
CA PHE A 75 -7.35 -9.99 -5.28
C PHE A 75 -8.40 -8.90 -5.33
N ALA A 76 -8.00 -7.77 -5.92
CA ALA A 76 -8.92 -6.66 -6.16
C ALA A 76 -8.47 -6.02 -7.48
N THR A 77 -9.42 -5.62 -8.31
CA THR A 77 -9.09 -4.89 -9.55
C THR A 77 -10.12 -3.77 -9.74
N SER A 78 -9.65 -2.63 -10.27
CA SER A 78 -10.55 -1.55 -10.62
C SER A 78 -10.16 -1.11 -12.04
N PHE A 79 -11.13 -0.64 -12.77
CA PHE A 79 -10.90 -0.15 -14.15
C PHE A 79 -12.03 0.76 -14.58
N THR A 80 -11.68 1.70 -15.45
CA THR A 80 -12.66 2.55 -16.10
C THR A 80 -12.78 2.14 -17.55
N PHE A 81 -14.01 1.88 -18.00
CA PHE A 81 -14.25 1.54 -19.43
C PHE A 81 -15.25 2.49 -20.04
N ASN A 82 -15.17 2.56 -21.37
CA ASN A 82 -16.07 3.41 -22.20
C ASN A 82 -16.54 2.56 -23.37
N ILE A 83 -17.84 2.21 -23.34
CA ILE A 83 -18.52 1.52 -24.45
C ILE A 83 -19.42 2.55 -25.14
N ARG A 84 -19.10 2.85 -26.38
CA ARG A 84 -19.82 3.82 -27.24
C ARG A 84 -20.46 3.10 -28.43
N VAL A 85 -21.74 3.39 -28.64
CA VAL A 85 -22.57 2.80 -29.72
C VAL A 85 -22.80 3.92 -30.75
N PRO A 86 -22.48 3.67 -32.02
CA PRO A 86 -22.76 4.65 -33.08
C PRO A 86 -24.27 4.95 -33.19
N ASN A 87 -24.63 6.09 -33.75
CA ASN A 87 -26.05 6.46 -33.95
C ASN A 87 -26.70 5.43 -34.88
N ASN A 88 -27.97 5.10 -34.63
CA ASN A 88 -28.74 4.06 -35.39
C ASN A 88 -28.08 2.69 -35.23
N ALA A 89 -27.50 2.42 -34.07
CA ALA A 89 -27.06 1.06 -33.69
C ALA A 89 -27.52 0.84 -32.25
N GLY A 90 -27.63 -0.42 -31.84
CA GLY A 90 -27.61 -0.83 -30.42
C GLY A 90 -26.29 -1.54 -30.11
N PRO A 91 -25.96 -1.68 -28.80
CA PRO A 91 -24.66 -2.21 -28.41
C PRO A 91 -24.61 -3.73 -28.62
N ALA A 92 -23.42 -4.23 -28.87
CA ALA A 92 -23.09 -5.68 -28.82
C ALA A 92 -21.57 -5.82 -28.91
N ASP A 93 -20.99 -6.89 -28.34
CA ASP A 93 -21.61 -7.86 -27.47
C ASP A 93 -21.27 -7.60 -25.99
N GLY A 94 -20.17 -6.86 -25.69
CA GLY A 94 -19.81 -6.58 -24.30
C GLY A 94 -18.32 -6.80 -24.05
N LEU A 95 -17.91 -6.62 -22.79
CA LEU A 95 -16.49 -6.77 -22.40
C LEU A 95 -16.44 -7.44 -21.03
N ALA A 96 -15.30 -8.04 -20.75
CA ALA A 96 -15.15 -8.83 -19.52
C ALA A 96 -13.74 -8.71 -18.99
N PHE A 97 -13.64 -8.75 -17.65
CA PHE A 97 -12.37 -8.93 -16.98
C PHE A 97 -12.26 -10.43 -16.79
N ALA A 98 -11.11 -11.00 -16.99
CA ALA A 98 -10.94 -12.46 -16.96
C ALA A 98 -9.59 -12.88 -16.34
N LEU A 99 -9.60 -14.08 -15.77
CA LEU A 99 -8.44 -14.88 -15.38
C LEU A 99 -8.46 -16.12 -16.27
N VAL A 100 -7.40 -16.32 -17.05
CA VAL A 100 -7.33 -17.38 -18.08
C VAL A 100 -6.02 -18.12 -17.92
N PRO A 101 -5.91 -19.36 -18.43
CA PRO A 101 -4.65 -20.08 -18.43
C PRO A 101 -3.58 -19.30 -19.17
N VAL A 102 -2.35 -19.39 -18.69
CA VAL A 102 -1.19 -18.74 -19.37
C VAL A 102 -1.09 -19.31 -20.78
N GLY A 103 -1.02 -18.45 -21.79
CA GLY A 103 -0.93 -18.83 -23.22
C GLY A 103 -2.29 -19.14 -23.82
N SER A 104 -3.37 -18.94 -23.09
CA SER A 104 -4.76 -19.11 -23.62
C SER A 104 -4.93 -18.21 -24.85
N LYS A 105 -5.60 -18.69 -25.88
CA LYS A 105 -5.87 -17.96 -27.14
C LYS A 105 -7.32 -17.52 -27.12
N PRO A 106 -7.70 -16.48 -27.88
CA PRO A 106 -9.09 -16.06 -27.95
C PRO A 106 -10.01 -17.21 -28.36
N LYS A 107 -11.23 -17.23 -27.83
CA LYS A 107 -12.26 -18.25 -28.14
C LYS A 107 -13.28 -17.62 -29.08
N ASP A 108 -14.58 -17.87 -28.89
CA ASP A 108 -15.59 -17.56 -29.93
C ASP A 108 -15.89 -16.08 -29.89
N ARG A 109 -16.34 -15.53 -31.01
CA ARG A 109 -16.65 -14.09 -31.05
C ARG A 109 -18.12 -13.86 -30.71
N GLY A 110 -18.65 -12.66 -30.95
CA GLY A 110 -20.05 -12.32 -30.64
C GLY A 110 -20.39 -12.56 -29.16
N GLY A 111 -21.48 -13.26 -28.90
CA GLY A 111 -22.01 -13.45 -27.54
C GLY A 111 -21.08 -14.22 -26.61
N LEU A 112 -20.04 -14.88 -27.14
CA LEU A 112 -19.16 -15.70 -26.27
C LEU A 112 -17.96 -14.87 -25.76
N LEU A 113 -17.86 -13.59 -26.17
CA LEU A 113 -17.03 -12.53 -25.56
C LEU A 113 -15.55 -12.86 -25.66
N GLY A 114 -15.17 -13.79 -26.54
CA GLY A 114 -13.80 -14.20 -26.77
C GLY A 114 -13.26 -15.05 -25.64
N LEU A 115 -14.10 -15.44 -24.70
CA LEU A 115 -13.69 -16.19 -23.49
C LEU A 115 -14.13 -17.65 -23.53
N PHE A 116 -15.24 -17.99 -24.19
CA PHE A 116 -15.79 -19.37 -24.11
C PHE A 116 -16.08 -19.81 -25.54
N ASP A 117 -16.29 -21.08 -25.75
CA ASP A 117 -16.66 -21.53 -27.12
C ASP A 117 -17.73 -22.62 -27.02
N GLY A 118 -18.16 -23.13 -28.17
CA GLY A 118 -19.16 -24.21 -28.26
C GLY A 118 -18.51 -25.58 -28.18
N SER A 119 -17.24 -25.66 -27.74
CA SER A 119 -16.48 -26.93 -27.56
C SER A 119 -16.94 -27.58 -26.26
N ASP A 120 -16.63 -28.86 -26.08
CA ASP A 120 -16.98 -29.60 -24.82
C ASP A 120 -15.79 -29.53 -23.84
N SER A 121 -14.71 -28.80 -24.17
CA SER A 121 -13.53 -28.56 -23.28
C SER A 121 -13.84 -27.44 -22.28
N LYS A 122 -13.37 -27.59 -21.04
CA LYS A 122 -13.49 -26.53 -20.00
C LYS A 122 -12.42 -25.47 -20.29
N ALA A 123 -12.81 -24.19 -20.24
CA ALA A 123 -11.94 -23.05 -20.62
C ALA A 123 -10.94 -22.75 -19.48
N HIS A 124 -11.09 -23.37 -18.31
CA HIS A 124 -10.42 -22.99 -17.02
C HIS A 124 -10.34 -21.47 -16.91
N THR A 125 -11.48 -20.81 -17.06
CA THR A 125 -11.60 -19.34 -17.14
C THR A 125 -12.68 -18.88 -16.19
N VAL A 126 -12.36 -17.85 -15.38
CA VAL A 126 -13.31 -17.15 -14.52
C VAL A 126 -13.39 -15.72 -15.08
N ALA A 127 -14.58 -15.16 -15.24
CA ALA A 127 -14.67 -13.78 -15.79
C ALA A 127 -15.82 -13.06 -15.13
N VAL A 128 -15.79 -11.74 -15.25
CA VAL A 128 -16.90 -10.86 -14.87
C VAL A 128 -17.22 -10.15 -16.19
N GLU A 129 -18.42 -10.41 -16.73
CA GLU A 129 -18.87 -9.85 -18.01
C GLU A 129 -19.77 -8.66 -17.78
N PHE A 130 -19.60 -7.67 -18.64
CA PHE A 130 -20.51 -6.57 -18.85
C PHE A 130 -21.17 -6.82 -20.22
N ASP A 131 -22.35 -7.37 -20.19
CA ASP A 131 -23.05 -8.06 -21.31
C ASP A 131 -24.11 -7.13 -21.89
N THR A 132 -23.86 -6.59 -23.09
CA THR A 132 -24.72 -5.57 -23.73
C THR A 132 -25.74 -6.19 -24.71
N LEU A 133 -25.78 -7.51 -24.90
CA LEU A 133 -26.65 -8.13 -25.96
C LEU A 133 -27.27 -9.42 -25.48
N TYR A 134 -28.59 -9.48 -25.50
CA TYR A 134 -29.37 -10.67 -25.11
C TYR A 134 -29.09 -11.84 -26.03
N ASN A 135 -28.55 -12.93 -25.50
CA ASN A 135 -28.44 -14.23 -26.19
C ASN A 135 -29.46 -15.15 -25.52
N ARG A 136 -30.57 -15.48 -26.19
CA ARG A 136 -31.73 -16.14 -25.53
C ARG A 136 -31.34 -17.54 -25.01
N ASP A 137 -30.35 -18.19 -25.58
CA ASP A 137 -30.00 -19.57 -25.14
C ASP A 137 -29.35 -19.57 -23.74
N TRP A 138 -28.87 -18.44 -23.20
CA TRP A 138 -28.23 -18.49 -21.84
C TRP A 138 -28.41 -17.22 -21.01
N ASP A 139 -28.67 -16.08 -21.61
CA ASP A 139 -28.68 -14.79 -20.89
C ASP A 139 -30.03 -14.53 -20.23
N PRO A 140 -30.01 -13.68 -19.19
CA PRO A 140 -31.24 -13.00 -18.77
C PRO A 140 -31.54 -11.92 -19.79
N ARG A 141 -32.76 -11.42 -19.80
CA ARG A 141 -33.27 -10.58 -20.90
C ARG A 141 -32.65 -9.19 -20.83
N GLU A 142 -32.48 -8.61 -19.66
CA GLU A 142 -31.86 -7.26 -19.57
C GLU A 142 -30.34 -7.35 -19.69
N ARG A 143 -29.73 -6.28 -20.13
CA ARG A 143 -28.26 -6.11 -20.03
C ARG A 143 -27.85 -6.28 -18.56
N HIS A 144 -26.66 -6.84 -18.34
CA HIS A 144 -26.29 -7.40 -17.05
C HIS A 144 -24.78 -7.45 -16.82
N ILE A 145 -24.43 -7.50 -15.54
CA ILE A 145 -23.09 -7.87 -15.06
C ILE A 145 -23.26 -9.34 -14.71
N GLY A 146 -22.34 -10.18 -15.16
CA GLY A 146 -22.39 -11.61 -14.83
C GLY A 146 -21.10 -12.11 -14.25
N ILE A 147 -21.18 -13.16 -13.44
CA ILE A 147 -20.01 -13.92 -12.99
C ILE A 147 -20.00 -15.23 -13.76
N ASP A 148 -18.93 -15.49 -14.50
CA ASP A 148 -18.79 -16.58 -15.50
C ASP A 148 -17.72 -17.52 -15.00
N VAL A 149 -18.10 -18.76 -14.75
CA VAL A 149 -17.18 -19.81 -14.26
C VAL A 149 -17.21 -20.89 -15.31
N ASN A 150 -16.21 -20.93 -16.20
CA ASN A 150 -16.10 -21.96 -17.26
C ASN A 150 -17.32 -22.01 -18.18
N SER A 151 -18.15 -20.97 -18.27
CA SER A 151 -19.34 -20.98 -19.15
C SER A 151 -19.81 -19.54 -19.36
N ILE A 152 -20.31 -19.27 -20.54
CA ILE A 152 -20.96 -18.00 -20.93
C ILE A 152 -22.30 -17.89 -20.23
N LYS A 153 -22.80 -19.00 -19.66
CA LYS A 153 -24.04 -18.99 -18.85
C LYS A 153 -23.63 -18.69 -17.41
N SER A 154 -23.77 -17.43 -17.01
CA SER A 154 -23.26 -16.88 -15.74
C SER A 154 -23.86 -17.67 -14.58
N ILE A 155 -23.06 -17.92 -13.54
CA ILE A 155 -23.59 -18.53 -12.30
C ILE A 155 -24.47 -17.51 -11.60
N LYS A 156 -24.30 -16.21 -11.87
CA LYS A 156 -25.15 -15.21 -11.26
C LYS A 156 -25.07 -13.96 -12.14
N THR A 157 -26.15 -13.23 -12.24
CA THR A 157 -26.14 -11.90 -12.95
C THR A 157 -26.86 -10.87 -12.12
N THR A 158 -26.74 -9.59 -12.48
CA THR A 158 -27.54 -8.52 -11.94
C THR A 158 -27.81 -7.59 -13.09
N PRO A 159 -29.02 -6.99 -13.12
CA PRO A 159 -29.32 -6.05 -14.20
C PRO A 159 -28.34 -4.88 -14.21
N TRP A 160 -28.05 -4.38 -15.42
CA TRP A 160 -27.15 -3.24 -15.68
C TRP A 160 -27.86 -2.30 -16.65
N ASP A 161 -28.14 -1.07 -16.22
CA ASP A 161 -28.79 -0.06 -17.07
C ASP A 161 -27.68 0.65 -17.82
N PHE A 162 -27.37 0.07 -18.97
CA PHE A 162 -26.30 0.53 -19.86
C PHE A 162 -26.50 2.02 -20.18
N VAL A 163 -25.43 2.79 -20.19
CA VAL A 163 -25.46 4.23 -20.61
C VAL A 163 -24.42 4.39 -21.73
N ASN A 164 -24.92 4.76 -22.90
CA ASN A 164 -24.09 4.88 -24.11
C ASN A 164 -22.98 5.92 -23.92
N GLY A 165 -21.71 5.54 -24.08
CA GLY A 165 -20.62 6.52 -24.25
C GLY A 165 -20.20 7.19 -22.94
N GLU A 166 -20.69 6.72 -21.79
CA GLU A 166 -20.30 7.34 -20.49
C GLU A 166 -19.31 6.40 -19.78
N ASP A 167 -18.33 6.99 -19.12
CA ASP A 167 -17.28 6.26 -18.38
C ASP A 167 -17.96 5.40 -17.30
N ALA A 168 -17.64 4.12 -17.24
CA ALA A 168 -18.09 3.21 -16.16
C ALA A 168 -16.89 2.86 -15.27
N GLU A 169 -17.06 2.91 -13.95
CA GLU A 169 -15.96 2.57 -13.01
C GLU A 169 -16.36 1.25 -12.35
N VAL A 170 -15.46 0.29 -12.42
CA VAL A 170 -15.69 -1.09 -11.93
C VAL A 170 -14.75 -1.35 -10.76
N LEU A 171 -15.24 -2.16 -9.81
CA LEU A 171 -14.39 -2.73 -8.79
C LEU A 171 -14.78 -4.20 -8.68
N ILE A 172 -13.83 -5.08 -8.74
CA ILE A 172 -14.04 -6.54 -8.56
C ILE A 172 -13.13 -6.99 -7.42
N THR A 173 -13.67 -7.71 -6.44
CA THR A 173 -12.85 -8.20 -5.33
C THR A 173 -13.11 -9.69 -5.17
N TYR A 174 -12.10 -10.40 -4.71
CA TYR A 174 -12.15 -11.86 -4.44
C TYR A 174 -11.47 -12.06 -3.10
N ASP A 175 -12.24 -12.57 -2.15
CA ASP A 175 -11.79 -12.84 -0.77
C ASP A 175 -11.62 -14.35 -0.63
N SER A 176 -10.40 -14.85 -0.53
CA SER A 176 -10.18 -16.32 -0.54
C SER A 176 -10.67 -16.93 0.79
N SER A 177 -10.90 -16.15 1.85
CA SER A 177 -11.41 -16.71 3.13
C SER A 177 -12.92 -17.01 3.03
N THR A 178 -13.71 -16.23 2.28
CA THR A 178 -15.17 -16.47 2.09
C THR A 178 -15.45 -17.07 0.72
N LYS A 179 -14.47 -17.04 -0.17
CA LYS A 179 -14.60 -17.42 -1.59
C LYS A 179 -15.61 -16.53 -2.29
N LEU A 180 -15.86 -15.33 -1.75
CA LEU A 180 -16.85 -14.42 -2.36
C LEU A 180 -16.17 -13.54 -3.41
N LEU A 181 -16.69 -13.58 -4.61
CA LEU A 181 -16.34 -12.67 -5.73
C LEU A 181 -17.44 -11.62 -5.79
N VAL A 182 -17.04 -10.34 -5.77
CA VAL A 182 -18.03 -9.23 -5.78
C VAL A 182 -17.65 -8.30 -6.92
N ALA A 183 -18.58 -7.95 -7.79
CA ALA A 183 -18.34 -6.97 -8.87
C ALA A 183 -19.30 -5.83 -8.71
N SER A 184 -18.82 -4.60 -8.84
CA SER A 184 -19.68 -3.40 -8.78
C SER A 184 -19.29 -2.50 -9.95
N LEU A 185 -20.24 -1.75 -10.44
CA LEU A 185 -20.07 -0.72 -11.49
C LEU A 185 -20.82 0.51 -11.07
N VAL A 186 -20.22 1.67 -11.31
N VAL A 186 -20.23 1.67 -11.32
CA VAL A 186 -20.87 2.98 -11.11
CA VAL A 186 -20.88 2.98 -11.10
C VAL A 186 -20.62 3.82 -12.36
C VAL A 186 -20.63 3.82 -12.35
N TYR A 187 -21.61 4.64 -12.71
CA TYR A 187 -21.50 5.70 -13.73
C TYR A 187 -21.42 7.01 -12.96
N PRO A 188 -20.22 7.62 -12.84
CA PRO A 188 -20.09 8.88 -12.11
C PRO A 188 -21.00 9.99 -12.65
N SER A 189 -21.28 9.99 -13.94
CA SER A 189 -22.12 10.99 -14.66
C SER A 189 -23.59 10.81 -14.26
N GLN A 190 -24.08 9.57 -14.12
CA GLN A 190 -25.51 9.26 -13.85
C GLN A 190 -25.76 8.99 -12.37
N LYS A 191 -24.67 8.73 -11.61
CA LYS A 191 -24.71 8.41 -10.17
C LYS A 191 -25.47 7.09 -9.94
N THR A 192 -25.51 6.20 -10.92
CA THR A 192 -26.16 4.85 -10.81
C THR A 192 -25.13 3.81 -10.44
N SER A 193 -25.56 2.70 -9.83
CA SER A 193 -24.59 1.70 -9.41
C SER A 193 -25.28 0.33 -9.38
N PHE A 194 -24.50 -0.72 -9.57
CA PHE A 194 -24.94 -2.11 -9.72
C PHE A 194 -23.95 -2.99 -9.00
N ILE A 195 -24.41 -4.12 -8.50
CA ILE A 195 -23.46 -5.02 -7.80
C ILE A 195 -23.99 -6.44 -7.93
N VAL A 196 -23.08 -7.38 -8.00
CA VAL A 196 -23.41 -8.84 -8.00
C VAL A 196 -22.32 -9.56 -7.20
N SER A 197 -22.69 -10.66 -6.54
CA SER A 197 -21.79 -11.40 -5.67
C SER A 197 -22.13 -12.87 -5.75
N ASP A 198 -21.12 -13.72 -5.78
CA ASP A 198 -21.31 -15.17 -5.64
C ASP A 198 -20.04 -15.79 -5.12
N THR A 199 -20.11 -17.02 -4.60
CA THR A 199 -18.90 -17.76 -4.20
C THR A 199 -18.37 -18.50 -5.42
N VAL A 200 -17.06 -18.52 -5.52
CA VAL A 200 -16.29 -19.22 -6.58
C VAL A 200 -15.11 -19.90 -5.92
N ASP A 201 -14.94 -21.18 -6.15
CA ASP A 201 -13.81 -21.97 -5.60
C ASP A 201 -12.69 -21.90 -6.65
N LEU A 202 -11.79 -20.91 -6.56
CA LEU A 202 -10.76 -20.69 -7.63
C LEU A 202 -9.90 -21.95 -7.82
N LYS A 203 -9.51 -22.63 -6.75
CA LYS A 203 -8.64 -23.85 -6.80
C LYS A 203 -9.18 -24.89 -7.75
N SER A 204 -10.51 -25.07 -7.77
CA SER A 204 -11.15 -26.16 -8.52
C SER A 204 -11.39 -25.78 -9.98
N VAL A 205 -11.18 -24.52 -10.39
CA VAL A 205 -11.55 -24.03 -11.74
C VAL A 205 -10.31 -23.50 -12.47
N LEU A 206 -9.41 -22.77 -11.80
CA LEU A 206 -8.26 -22.13 -12.49
C LEU A 206 -7.02 -22.97 -12.28
N PRO A 207 -6.04 -22.87 -13.18
CA PRO A 207 -4.72 -23.39 -12.87
C PRO A 207 -4.07 -22.52 -11.78
N GLU A 208 -2.91 -22.96 -11.33
CA GLU A 208 -2.17 -22.27 -10.23
C GLU A 208 -1.74 -20.84 -10.66
N TRP A 209 -1.36 -20.70 -11.92
CA TRP A 209 -0.92 -19.41 -12.49
C TRP A 209 -1.91 -19.03 -13.58
N VAL A 210 -2.26 -17.73 -13.69
CA VAL A 210 -3.23 -17.24 -14.69
C VAL A 210 -2.67 -15.95 -15.26
N SER A 211 -3.15 -15.60 -16.43
CA SER A 211 -3.04 -14.24 -16.99
C SER A 211 -4.31 -13.47 -16.62
N VAL A 212 -4.18 -12.20 -16.23
CA VAL A 212 -5.34 -11.36 -15.86
C VAL A 212 -5.40 -10.25 -16.90
N GLY A 213 -6.60 -9.85 -17.25
CA GLY A 213 -6.84 -8.82 -18.29
C GLY A 213 -8.30 -8.84 -18.76
N PHE A 214 -8.49 -8.61 -20.04
CA PHE A 214 -9.81 -8.28 -20.59
C PHE A 214 -10.03 -9.01 -21.91
N SER A 215 -11.29 -9.17 -22.23
CA SER A 215 -11.77 -9.71 -23.52
C SER A 215 -13.01 -8.93 -23.92
N ALA A 216 -13.17 -8.64 -25.22
CA ALA A 216 -14.37 -7.96 -25.71
C ALA A 216 -14.65 -8.44 -27.13
N THR A 217 -15.90 -8.31 -27.52
CA THR A 217 -16.37 -8.56 -28.90
C THR A 217 -17.39 -7.50 -29.31
N SER A 218 -17.38 -7.17 -30.61
CA SER A 218 -18.43 -6.34 -31.23
C SER A 218 -19.47 -7.30 -31.86
N GLY A 219 -20.66 -6.82 -32.17
CA GLY A 219 -21.74 -7.68 -32.70
C GLY A 219 -21.39 -8.21 -34.09
N ILE A 220 -21.99 -9.32 -34.49
CA ILE A 220 -21.72 -9.96 -35.82
C ILE A 220 -22.69 -9.41 -36.90
N SER A 221 -23.78 -8.74 -36.52
CA SER A 221 -24.87 -8.29 -37.44
C SER A 221 -24.98 -6.77 -37.47
N LYS A 222 -25.24 -6.21 -38.64
CA LYS A 222 -25.33 -4.75 -38.87
C LYS A 222 -26.18 -4.12 -37.74
N GLY A 223 -25.82 -2.94 -37.26
CA GLY A 223 -26.62 -2.23 -36.24
C GLY A 223 -26.49 -2.79 -34.84
N ASN A 224 -25.61 -3.78 -34.62
CA ASN A 224 -25.27 -4.30 -33.28
C ASN A 224 -23.74 -4.18 -33.12
N VAL A 225 -23.29 -3.07 -32.56
CA VAL A 225 -21.82 -2.80 -32.52
C VAL A 225 -21.53 -1.81 -31.39
N GLU A 226 -20.30 -1.81 -30.90
CA GLU A 226 -19.85 -0.87 -29.86
C GLU A 226 -18.33 -0.83 -29.84
N THR A 227 -17.77 0.26 -29.34
CA THR A 227 -16.36 0.31 -28.89
C THR A 227 -16.26 -0.38 -27.54
N ASN A 228 -15.05 -0.81 -27.19
CA ASN A 228 -14.77 -1.52 -25.91
C ASN A 228 -13.43 -1.01 -25.40
N ASP A 229 -13.42 0.22 -24.88
CA ASP A 229 -12.21 0.96 -24.49
C ASP A 229 -11.99 0.88 -22.98
N LEU A 230 -10.79 0.51 -22.57
CA LEU A 230 -10.30 0.68 -21.18
C LEU A 230 -9.43 1.93 -21.06
N LEU A 231 -9.68 2.73 -20.04
CA LEU A 231 -9.01 4.01 -19.79
C LEU A 231 -8.03 3.88 -18.64
N SER A 232 -8.25 2.96 -17.67
CA SER A 232 -7.32 2.84 -16.55
C SER A 232 -7.61 1.49 -15.91
N TRP A 233 -6.61 0.95 -15.25
CA TRP A 233 -6.67 -0.42 -14.68
C TRP A 233 -5.69 -0.50 -13.51
N SER A 234 -6.18 -0.95 -12.36
N SER A 234 -6.18 -0.94 -12.35
N SER A 234 -6.19 -0.93 -12.35
CA SER A 234 -5.40 -1.20 -11.13
CA SER A 234 -5.39 -1.20 -11.13
CA SER A 234 -5.39 -1.21 -11.13
C SER A 234 -5.69 -2.65 -10.72
C SER A 234 -5.69 -2.65 -10.72
C SER A 234 -5.70 -2.64 -10.72
N PHE A 235 -4.68 -3.37 -10.28
CA PHE A 235 -4.84 -4.80 -9.89
C PHE A 235 -3.96 -5.02 -8.69
N ALA A 236 -4.38 -5.86 -7.74
CA ALA A 236 -3.52 -6.25 -6.64
C ALA A 236 -3.93 -7.67 -6.26
N SER A 237 -2.95 -8.50 -6.01
CA SER A 237 -3.19 -9.90 -5.58
C SER A 237 -2.29 -10.21 -4.39
N LYS A 238 -2.75 -11.07 -3.49
CA LYS A 238 -1.94 -11.41 -2.29
C LYS A 238 -2.16 -12.88 -2.00
N LEU A 239 -1.12 -13.68 -2.10
CA LEU A 239 -1.25 -15.14 -1.94
C LEU A 239 -0.90 -15.48 -0.49
N SER A 240 -1.93 -15.73 0.32
CA SER A 240 -1.88 -16.09 1.77
C SER A 240 -0.85 -17.17 2.13
N SER B 7 -1.56 9.80 -15.89
CA SER B 7 -0.54 8.77 -16.32
C SER B 7 0.34 8.28 -15.16
N ALA B 8 -0.15 8.42 -13.92
CA ALA B 8 0.60 8.09 -12.70
C ALA B 8 0.54 6.57 -12.57
N ASN B 9 1.57 5.89 -13.07
CA ASN B 9 1.70 4.42 -13.11
C ASN B 9 2.52 3.87 -11.94
N ASP B 10 2.22 2.64 -11.51
CA ASP B 10 2.94 1.99 -10.40
C ASP B 10 3.00 0.48 -10.69
N ILE B 11 4.02 -0.14 -10.15
CA ILE B 11 4.17 -1.61 -10.10
C ILE B 11 4.87 -1.92 -8.81
N SER B 12 4.43 -2.98 -8.16
CA SER B 12 4.94 -3.44 -6.88
C SER B 12 4.87 -4.98 -6.97
N PHE B 13 5.87 -5.67 -6.48
CA PHE B 13 5.76 -7.14 -6.28
C PHE B 13 6.57 -7.53 -5.07
N ASN B 14 6.24 -8.68 -4.52
CA ASN B 14 6.89 -9.19 -3.32
C ASN B 14 6.98 -10.71 -3.50
N PHE B 15 8.19 -11.29 -3.59
CA PHE B 15 8.40 -12.73 -3.68
C PHE B 15 9.11 -13.19 -2.40
N GLN B 16 8.48 -14.01 -1.59
CA GLN B 16 9.17 -14.66 -0.45
C GLN B 16 9.75 -16.00 -0.93
N ARG B 17 9.20 -16.53 -1.99
CA ARG B 17 9.72 -17.75 -2.67
C ARG B 17 9.76 -17.41 -4.17
N PHE B 18 10.75 -17.88 -4.91
CA PHE B 18 10.81 -17.65 -6.37
C PHE B 18 10.08 -18.78 -7.11
N ASN B 19 9.59 -18.42 -8.27
CA ASN B 19 9.09 -19.39 -9.27
C ASN B 19 9.56 -18.92 -10.63
N GLU B 20 9.92 -19.84 -11.52
CA GLU B 20 10.34 -19.52 -12.92
C GLU B 20 9.25 -18.77 -13.70
N THR B 21 7.98 -18.95 -13.39
CA THR B 21 6.85 -18.48 -14.25
C THR B 21 6.91 -16.96 -14.46
N ASN B 22 7.36 -16.20 -13.46
CA ASN B 22 7.36 -14.70 -13.59
C ASN B 22 8.81 -14.17 -13.69
N LEU B 23 9.78 -15.00 -14.11
CA LEU B 23 11.18 -14.58 -14.34
C LEU B 23 11.64 -14.91 -15.78
N ILE B 24 12.51 -14.06 -16.32
CA ILE B 24 13.40 -14.35 -17.45
C ILE B 24 14.75 -14.77 -16.88
N LEU B 25 15.08 -16.05 -17.03
CA LEU B 25 16.36 -16.67 -16.58
C LEU B 25 17.33 -16.72 -17.73
N GLN B 26 18.57 -16.35 -17.50
CA GLN B 26 19.62 -16.31 -18.55
C GLN B 26 20.87 -16.97 -17.99
N GLY B 27 21.61 -17.64 -18.88
CA GLY B 27 22.89 -18.31 -18.60
C GLY B 27 22.68 -19.41 -17.61
N ASP B 28 23.37 -19.37 -16.46
CA ASP B 28 23.33 -20.47 -15.46
C ASP B 28 22.16 -20.36 -14.50
N ALA B 29 21.40 -19.27 -14.54
CA ALA B 29 20.35 -19.04 -13.51
C ALA B 29 19.28 -20.14 -13.54
N SER B 30 18.87 -20.58 -12.35
CA SER B 30 17.78 -21.54 -12.16
C SER B 30 17.00 -21.19 -10.90
N VAL B 31 15.81 -21.77 -10.75
CA VAL B 31 15.06 -21.73 -9.47
C VAL B 31 15.08 -23.15 -8.89
N SER B 32 15.51 -23.31 -7.63
CA SER B 32 15.57 -24.60 -6.91
C SER B 32 14.18 -25.07 -6.55
N SER B 33 14.01 -26.35 -6.18
CA SER B 33 12.68 -26.89 -5.79
C SER B 33 12.25 -26.26 -4.47
N SER B 34 13.18 -25.71 -3.70
CA SER B 34 12.89 -24.98 -2.44
C SER B 34 12.55 -23.50 -2.75
N GLY B 35 12.56 -23.07 -4.01
CA GLY B 35 12.16 -21.70 -4.37
C GLY B 35 13.27 -20.66 -4.18
N GLN B 36 14.54 -21.06 -4.28
CA GLN B 36 15.69 -20.12 -4.21
C GLN B 36 16.11 -19.80 -5.63
N LEU B 37 16.40 -18.54 -5.89
CA LEU B 37 16.93 -18.14 -7.20
C LEU B 37 18.45 -18.29 -7.13
N ARG B 38 18.98 -19.34 -7.78
CA ARG B 38 20.43 -19.62 -7.81
C ARG B 38 21.00 -19.07 -9.12
N LEU B 39 21.69 -17.93 -9.03
CA LEU B 39 22.09 -17.21 -10.25
C LEU B 39 23.24 -17.96 -10.91
N THR B 40 24.07 -18.65 -10.12
CA THR B 40 25.28 -19.30 -10.67
C THR B 40 25.21 -20.80 -10.39
N ASN B 41 26.00 -21.53 -11.15
CA ASN B 41 25.85 -22.99 -11.41
C ASN B 41 26.38 -23.78 -10.21
N LEU B 42 25.65 -24.81 -9.79
CA LEU B 42 26.14 -25.84 -8.83
C LEU B 42 26.40 -27.16 -9.58
N ASN B 43 27.48 -27.87 -9.28
CA ASN B 43 27.78 -29.22 -9.85
C ASN B 43 26.87 -30.24 -9.13
N ASP B 44 26.97 -31.52 -9.49
CA ASP B 44 26.14 -32.64 -8.93
C ASP B 44 26.44 -32.81 -7.43
N ASN B 45 27.59 -32.34 -6.94
CA ASN B 45 27.94 -32.42 -5.50
C ASN B 45 27.45 -31.18 -4.74
N GLY B 46 26.68 -30.30 -5.38
CA GLY B 46 26.11 -29.09 -4.74
C GLY B 46 27.15 -28.01 -4.49
N GLU B 47 28.29 -28.04 -5.19
CA GLU B 47 29.37 -27.03 -5.02
C GLU B 47 29.37 -26.10 -6.23
N PRO B 48 29.68 -24.80 -6.02
CA PRO B 48 29.67 -23.84 -7.12
C PRO B 48 30.82 -24.11 -8.09
N THR B 49 30.60 -23.86 -9.39
CA THR B 49 31.55 -24.07 -10.50
C THR B 49 32.19 -22.76 -10.95
N LEU B 50 33.34 -22.86 -11.61
CA LEU B 50 34.10 -21.72 -12.16
C LEU B 50 33.45 -21.18 -13.44
N SER B 51 33.71 -19.90 -13.71
CA SER B 51 33.28 -19.19 -14.96
C SER B 51 31.77 -19.24 -15.13
N SER B 52 31.00 -19.31 -14.03
CA SER B 52 29.53 -19.26 -14.09
C SER B 52 29.05 -17.81 -14.29
N LEU B 53 27.92 -17.67 -14.97
CA LEU B 53 27.25 -16.38 -15.29
C LEU B 53 25.78 -16.69 -15.40
N GLY B 54 24.99 -16.07 -14.52
CA GLY B 54 23.54 -16.14 -14.57
C GLY B 54 22.94 -14.73 -14.36
N ARG B 55 21.76 -14.55 -14.93
CA ARG B 55 20.94 -13.35 -14.68
C ARG B 55 19.49 -13.79 -14.63
N ALA B 56 18.70 -12.94 -13.97
CA ALA B 56 17.27 -13.19 -13.80
C ALA B 56 16.54 -11.87 -13.65
N PHE B 57 15.47 -11.72 -14.41
CA PHE B 57 14.72 -10.44 -14.44
C PHE B 57 13.26 -10.74 -14.22
N TYR B 58 12.59 -9.81 -13.56
CA TYR B 58 11.13 -9.83 -13.55
C TYR B 58 10.64 -9.82 -15.02
N SER B 59 9.61 -10.60 -15.34
CA SER B 59 9.28 -10.91 -16.76
C SER B 59 8.48 -9.78 -17.42
N THR B 60 8.08 -8.72 -16.72
CA THR B 60 7.48 -7.53 -17.35
C THR B 60 8.38 -6.31 -17.21
N PRO B 61 8.64 -5.54 -18.29
CA PRO B 61 9.43 -4.34 -18.19
C PRO B 61 8.80 -3.31 -17.29
N ILE B 62 9.67 -2.46 -16.71
CA ILE B 62 9.31 -1.36 -15.81
C ILE B 62 9.52 -0.06 -16.59
N GLN B 63 8.58 0.86 -16.50
CA GLN B 63 8.75 2.20 -17.12
C GLN B 63 9.50 3.12 -16.15
N ILE B 64 10.69 3.53 -16.54
CA ILE B 64 11.65 4.32 -15.71
C ILE B 64 11.43 5.82 -15.99
N TRP B 65 11.04 6.16 -17.21
CA TRP B 65 10.75 7.58 -17.56
C TRP B 65 9.85 7.62 -18.77
N ASP B 66 9.23 8.77 -19.00
CA ASP B 66 8.23 9.00 -20.06
C ASP B 66 8.68 10.21 -20.87
N SER B 67 8.89 10.01 -22.17
CA SER B 67 9.44 11.01 -23.13
C SER B 67 8.42 12.12 -23.36
N THR B 68 7.14 11.79 -23.46
CA THR B 68 6.04 12.79 -23.61
C THR B 68 6.05 13.76 -22.41
N THR B 69 6.05 13.28 -21.16
CA THR B 69 5.80 14.10 -19.94
C THR B 69 7.09 14.56 -19.27
N GLY B 70 8.25 13.92 -19.52
CA GLY B 70 9.51 14.19 -18.80
C GLY B 70 9.56 13.61 -17.37
N ALA B 71 8.49 12.97 -16.90
CA ALA B 71 8.43 12.17 -15.64
C ALA B 71 9.57 11.14 -15.54
N VAL B 72 10.14 10.99 -14.34
CA VAL B 72 11.11 9.91 -14.00
C VAL B 72 10.53 9.08 -12.84
N ALA B 73 10.66 7.76 -12.87
CA ALA B 73 10.24 6.90 -11.77
C ALA B 73 11.12 7.08 -10.55
N SER B 74 10.51 6.94 -9.38
CA SER B 74 11.19 6.65 -8.11
C SER B 74 10.99 5.13 -7.90
N PHE B 75 11.96 4.45 -7.31
CA PHE B 75 11.76 3.02 -6.96
C PHE B 75 12.39 2.68 -5.65
N ALA B 76 12.01 1.51 -5.13
CA ALA B 76 12.68 0.92 -3.97
C ALA B 76 12.67 -0.59 -4.22
N THR B 77 13.74 -1.26 -3.85
CA THR B 77 13.82 -2.73 -3.92
C THR B 77 14.51 -3.24 -2.68
N SER B 78 14.07 -4.42 -2.19
CA SER B 78 14.77 -5.09 -1.11
C SER B 78 14.91 -6.55 -1.51
N PHE B 79 15.98 -7.15 -1.01
CA PHE B 79 16.25 -8.57 -1.32
C PHE B 79 17.18 -9.14 -0.28
N THR B 80 17.07 -10.46 -0.11
CA THR B 80 17.95 -11.21 0.76
C THR B 80 18.80 -12.08 -0.14
N PHE B 81 20.12 -12.00 0.02
CA PHE B 81 21.03 -12.88 -0.75
C PHE B 81 21.90 -13.68 0.21
N ASN B 82 22.39 -14.79 -0.35
CA ASN B 82 23.33 -15.70 0.35
C ASN B 82 24.46 -16.04 -0.62
N ILE B 83 25.65 -15.56 -0.32
CA ILE B 83 26.91 -15.88 -1.04
C ILE B 83 27.73 -16.79 -0.12
N ARG B 84 27.90 -18.04 -0.54
CA ARG B 84 28.69 -19.07 0.20
C ARG B 84 29.94 -19.45 -0.61
N VAL B 85 31.07 -19.45 0.07
CA VAL B 85 32.40 -19.82 -0.47
C VAL B 85 32.76 -21.19 0.11
N PRO B 86 33.08 -22.20 -0.74
CA PRO B 86 33.49 -23.51 -0.23
C PRO B 86 34.80 -23.42 0.57
N ASN B 87 35.08 -24.41 1.41
CA ASN B 87 36.35 -24.54 2.15
C ASN B 87 37.54 -24.51 1.16
N ASN B 88 38.63 -23.87 1.56
CA ASN B 88 39.89 -23.75 0.77
C ASN B 88 39.62 -22.94 -0.51
N ALA B 89 38.65 -22.01 -0.49
CA ALA B 89 38.36 -21.10 -1.62
C ALA B 89 38.20 -19.70 -1.04
N GLY B 90 38.33 -18.69 -1.88
CA GLY B 90 37.98 -17.28 -1.63
C GLY B 90 36.83 -16.91 -2.58
N PRO B 91 36.06 -15.83 -2.26
CA PRO B 91 34.89 -15.49 -3.05
C PRO B 91 35.31 -14.82 -4.37
N ALA B 92 34.49 -15.01 -5.39
CA ALA B 92 34.53 -14.25 -6.64
C ALA B 92 33.29 -14.62 -7.42
N ASP B 93 32.78 -13.71 -8.26
CA ASP B 93 33.17 -12.34 -8.41
C ASP B 93 32.15 -11.40 -7.71
N GLY B 94 30.91 -11.83 -7.51
CA GLY B 94 29.91 -10.98 -6.85
C GLY B 94 28.57 -11.05 -7.54
N LEU B 95 27.64 -10.24 -7.06
CA LEU B 95 26.27 -10.17 -7.61
C LEU B 95 25.81 -8.72 -7.64
N ALA B 96 24.86 -8.44 -8.50
CA ALA B 96 24.39 -7.06 -8.70
C ALA B 96 22.88 -7.07 -8.92
N PHE B 97 22.27 -5.98 -8.49
CA PHE B 97 20.89 -5.66 -8.87
C PHE B 97 21.06 -4.73 -10.05
N ALA B 98 20.27 -4.88 -11.07
CA ALA B 98 20.47 -4.11 -12.33
C ALA B 98 19.15 -3.73 -12.99
N LEU B 99 19.18 -2.59 -13.69
CA LEU B 99 18.22 -2.11 -14.66
C LEU B 99 18.94 -2.18 -16.02
N VAL B 100 18.38 -2.93 -16.96
CA VAL B 100 19.04 -3.21 -18.26
C VAL B 100 18.00 -3.03 -19.35
N PRO B 101 18.44 -2.82 -20.61
CA PRO B 101 17.50 -2.74 -21.73
C PRO B 101 16.68 -4.01 -21.84
N VAL B 102 15.40 -3.83 -22.20
CA VAL B 102 14.53 -5.00 -22.46
C VAL B 102 15.16 -5.87 -23.55
N GLY B 103 15.27 -7.18 -23.33
CA GLY B 103 15.82 -8.15 -24.29
C GLY B 103 17.34 -8.28 -24.17
N SER B 104 18.00 -7.52 -23.31
CA SER B 104 19.48 -7.59 -23.28
C SER B 104 19.90 -8.98 -22.80
N LYS B 105 21.04 -9.41 -23.27
CA LYS B 105 21.63 -10.77 -23.02
C LYS B 105 22.81 -10.55 -22.09
N PRO B 106 23.25 -11.60 -21.38
CA PRO B 106 24.41 -11.48 -20.50
C PRO B 106 25.65 -11.00 -21.25
N LYS B 107 26.51 -10.24 -20.58
CA LYS B 107 27.75 -9.67 -21.12
C LYS B 107 28.93 -10.48 -20.59
N ASP B 108 30.04 -9.84 -20.29
CA ASP B 108 31.30 -10.57 -19.95
C ASP B 108 31.21 -11.15 -18.53
N ARG B 109 31.88 -12.26 -18.29
CA ARG B 109 31.76 -12.91 -16.96
C ARG B 109 32.88 -12.48 -16.05
N GLY B 110 33.15 -13.23 -14.99
CA GLY B 110 34.21 -12.84 -14.02
C GLY B 110 33.93 -11.45 -13.44
N GLY B 111 34.94 -10.58 -13.42
CA GLY B 111 34.86 -9.27 -12.79
C GLY B 111 33.81 -8.33 -13.42
N LEU B 112 33.30 -8.64 -14.61
CA LEU B 112 32.37 -7.71 -15.28
C LEU B 112 30.92 -8.09 -14.94
N LEU B 113 30.70 -9.12 -14.13
CA LEU B 113 29.45 -9.43 -13.38
C LEU B 113 28.29 -9.70 -14.32
N GLY B 114 28.58 -10.03 -15.60
CA GLY B 114 27.56 -10.34 -16.59
C GLY B 114 26.81 -9.11 -17.07
N LEU B 115 27.27 -7.94 -16.66
CA LEU B 115 26.60 -6.65 -16.96
C LEU B 115 27.36 -5.80 -17.97
N PHE B 116 28.68 -5.88 -18.04
CA PHE B 116 29.47 -4.91 -18.85
C PHE B 116 30.45 -5.66 -19.76
N ASP B 117 31.04 -5.02 -20.79
CA ASP B 117 32.08 -5.69 -21.63
C ASP B 117 33.06 -4.68 -22.21
N LYS B 122 27.85 1.12 -26.64
CA LYS B 122 26.97 2.07 -25.90
C LYS B 122 26.17 1.28 -24.85
N ALA B 123 26.65 1.24 -23.60
CA ALA B 123 25.92 0.50 -22.53
C ALA B 123 24.76 1.42 -22.06
N HIS B 124 23.68 0.78 -21.61
CA HIS B 124 22.54 1.51 -21.01
C HIS B 124 22.07 0.69 -19.80
N THR B 125 22.97 0.51 -18.83
CA THR B 125 22.78 -0.32 -17.64
C THR B 125 23.18 0.49 -16.42
N VAL B 126 22.32 0.47 -15.39
CA VAL B 126 22.62 0.99 -14.04
C VAL B 126 22.58 -0.22 -13.11
N ALA B 127 23.57 -0.39 -12.23
CA ALA B 127 23.54 -1.51 -11.29
C ALA B 127 24.09 -1.09 -9.92
N VAL B 128 23.76 -1.89 -8.93
CA VAL B 128 24.37 -1.83 -7.61
C VAL B 128 25.06 -3.18 -7.46
N GLU B 129 26.40 -3.16 -7.35
CA GLU B 129 27.22 -4.38 -7.25
C GLU B 129 27.59 -4.65 -5.80
N PHE B 130 27.57 -5.92 -5.47
CA PHE B 130 28.19 -6.48 -4.28
C PHE B 130 29.40 -7.27 -4.78
N ASP B 131 30.56 -6.64 -4.67
CA ASP B 131 31.81 -6.97 -5.41
C ASP B 131 32.77 -7.69 -4.47
N THR B 132 32.89 -9.01 -4.62
CA THR B 132 33.66 -9.88 -3.69
C THR B 132 35.11 -10.15 -4.19
N LEU B 133 35.56 -9.58 -5.31
CA LEU B 133 36.93 -9.83 -5.82
C LEU B 133 37.55 -8.55 -6.33
N TYR B 134 38.74 -8.24 -5.81
CA TYR B 134 39.52 -7.06 -6.27
C TYR B 134 39.97 -7.28 -7.71
N ASN B 135 39.56 -6.41 -8.60
CA ASN B 135 40.07 -6.32 -9.98
C ASN B 135 40.93 -5.05 -10.01
N ARG B 136 42.27 -5.20 -10.09
CA ARG B 136 43.23 -4.09 -9.85
C ARG B 136 43.04 -3.02 -10.92
N ASP B 137 42.54 -3.35 -12.11
CA ASP B 137 42.39 -2.32 -13.17
C ASP B 137 41.28 -1.30 -12.86
N TRP B 138 40.32 -1.56 -11.96
CA TRP B 138 39.24 -0.55 -11.75
C TRP B 138 38.71 -0.52 -10.29
N ASP B 139 38.88 -1.56 -9.50
CA ASP B 139 38.26 -1.65 -8.15
C ASP B 139 39.04 -0.91 -7.08
N PRO B 140 38.35 -0.52 -5.98
CA PRO B 140 39.04 -0.21 -4.73
C PRO B 140 39.50 -1.55 -4.15
N ARG B 141 40.45 -1.48 -3.19
CA ARG B 141 41.18 -2.64 -2.64
C ARG B 141 40.22 -3.56 -1.89
N GLU B 142 39.41 -3.03 -0.99
CA GLU B 142 38.54 -3.89 -0.16
C GLU B 142 37.28 -4.26 -0.95
N ARG B 143 36.69 -5.38 -0.61
CA ARG B 143 35.34 -5.73 -1.10
C ARG B 143 34.39 -4.57 -0.79
N HIS B 144 33.38 -4.39 -1.66
CA HIS B 144 32.63 -3.14 -1.72
C HIS B 144 31.23 -3.29 -2.31
N ILE B 145 30.40 -2.30 -2.00
CA ILE B 145 29.10 -2.05 -2.63
C ILE B 145 29.42 -0.92 -3.58
N GLY B 146 29.03 -1.07 -4.85
CA GLY B 146 29.35 -0.03 -5.85
C GLY B 146 28.11 0.39 -6.60
N ILE B 147 28.09 1.64 -7.02
CA ILE B 147 27.05 2.13 -7.95
C ILE B 147 27.68 2.22 -9.33
N ASP B 148 27.13 1.50 -10.31
CA ASP B 148 27.69 1.26 -11.66
C ASP B 148 26.77 1.92 -12.67
N VAL B 149 27.27 2.91 -13.39
CA VAL B 149 26.49 3.62 -14.42
C VAL B 149 27.25 3.36 -15.73
N ASN B 150 26.81 2.39 -16.52
CA ASN B 150 27.37 2.07 -17.84
C ASN B 150 28.85 1.65 -17.75
N SER B 151 29.37 1.25 -16.58
CA SER B 151 30.78 0.85 -16.46
C SER B 151 30.94 0.01 -15.19
N ILE B 152 31.85 -0.94 -15.23
CA ILE B 152 32.26 -1.79 -14.08
C ILE B 152 33.08 -0.93 -13.11
N LYS B 153 33.54 0.24 -13.55
CA LYS B 153 34.31 1.14 -12.67
C LYS B 153 33.30 2.07 -12.00
N SER B 154 32.93 1.74 -10.77
CA SER B 154 31.80 2.36 -10.02
C SER B 154 32.00 3.87 -9.95
N ILE B 155 30.93 4.62 -10.05
CA ILE B 155 30.97 6.09 -9.79
C ILE B 155 31.19 6.31 -8.31
N LYS B 156 30.81 5.34 -7.46
CA LYS B 156 31.05 5.49 -6.01
C LYS B 156 31.01 4.11 -5.40
N THR B 157 31.86 3.87 -4.43
CA THR B 157 31.86 2.58 -3.67
C THR B 157 31.87 2.88 -2.19
N THR B 158 31.60 1.85 -1.38
CA THR B 158 31.79 1.89 0.06
C THR B 158 32.30 0.53 0.42
N PRO B 159 33.23 0.45 1.39
CA PRO B 159 33.70 -0.85 1.83
C PRO B 159 32.56 -1.74 2.33
N TRP B 160 32.74 -3.06 2.12
CA TRP B 160 31.80 -4.09 2.53
C TRP B 160 32.60 -5.21 3.16
N ASP B 161 32.36 -5.48 4.45
CA ASP B 161 33.07 -6.55 5.16
C ASP B 161 32.23 -7.80 4.94
N PHE B 162 32.57 -8.48 3.86
CA PHE B 162 31.93 -9.72 3.40
C PHE B 162 31.93 -10.73 4.54
N VAL B 163 30.82 -11.44 4.71
CA VAL B 163 30.70 -12.58 5.67
C VAL B 163 30.26 -13.79 4.87
N ASN B 164 31.10 -14.82 4.91
CA ASN B 164 30.86 -16.07 4.17
C ASN B 164 29.53 -16.72 4.59
N GLY B 165 28.60 -16.94 3.68
CA GLY B 165 27.48 -17.87 3.89
C GLY B 165 26.37 -17.34 4.78
N GLU B 166 26.42 -16.06 5.18
CA GLU B 166 25.35 -15.51 6.07
C GLU B 166 24.42 -14.65 5.20
N ASP B 167 23.14 -14.67 5.47
CA ASP B 167 22.14 -13.92 4.70
C ASP B 167 22.48 -12.43 4.84
N ALA B 168 22.49 -11.75 3.71
CA ALA B 168 22.59 -10.27 3.66
C ALA B 168 21.25 -9.70 3.22
N GLU B 169 20.84 -8.59 3.84
CA GLU B 169 19.56 -7.96 3.49
C GLU B 169 19.93 -6.62 2.90
N VAL B 170 19.41 -6.34 1.73
CA VAL B 170 19.70 -5.13 0.94
C VAL B 170 18.45 -4.29 0.86
N LEU B 171 18.66 -2.96 0.81
CA LEU B 171 17.63 -2.02 0.39
C LEU B 171 18.27 -1.03 -0.58
N ILE B 172 17.70 -0.85 -1.73
CA ILE B 172 18.14 0.15 -2.75
C ILE B 172 16.96 1.07 -3.00
N THR B 173 17.18 2.39 -2.93
CA THR B 173 16.10 3.34 -3.26
C THR B 173 16.64 4.33 -4.29
N TYR B 174 15.75 4.85 -5.10
CA TYR B 174 16.00 5.90 -6.09
C TYR B 174 14.89 6.90 -5.97
N ASP B 175 15.25 8.15 -5.67
CA ASP B 175 14.31 9.27 -5.52
C ASP B 175 14.47 10.16 -6.76
N SER B 176 13.49 10.22 -7.63
CA SER B 176 13.64 10.92 -8.93
C SER B 176 13.68 12.45 -8.71
N SER B 177 13.23 12.97 -7.59
CA SER B 177 13.24 14.44 -7.34
C SER B 177 14.67 14.89 -6.92
N THR B 178 15.45 14.07 -6.22
CA THR B 178 16.84 14.40 -5.79
C THR B 178 17.86 13.67 -6.65
N LYS B 179 17.41 12.71 -7.47
CA LYS B 179 18.24 11.83 -8.30
C LYS B 179 19.20 11.03 -7.44
N LEU B 180 18.90 10.88 -6.15
CA LEU B 180 19.79 10.13 -5.25
C LEU B 180 19.43 8.64 -5.27
N LEU B 181 20.41 7.83 -5.58
CA LEU B 181 20.39 6.34 -5.48
C LEU B 181 21.12 5.98 -4.20
N VAL B 182 20.46 5.19 -3.33
CA VAL B 182 21.06 4.82 -2.02
C VAL B 182 21.00 3.30 -1.91
N ALA B 183 22.11 2.66 -1.59
CA ALA B 183 22.13 1.19 -1.37
C ALA B 183 22.65 0.90 0.02
N SER B 184 21.98 -0.01 0.73
CA SER B 184 22.37 -0.38 2.10
C SER B 184 22.30 -1.89 2.18
N LEU B 185 23.15 -2.48 2.98
CA LEU B 185 23.22 -3.94 3.27
C LEU B 185 23.42 -4.09 4.76
N VAL B 186 22.71 -5.06 5.36
N VAL B 186 22.71 -5.06 5.36
CA VAL B 186 22.88 -5.41 6.78
CA VAL B 186 22.87 -5.40 6.78
C VAL B 186 23.00 -6.93 6.84
C VAL B 186 22.99 -6.92 6.84
N TYR B 187 23.83 -7.40 7.75
CA TYR B 187 23.93 -8.83 8.13
C TYR B 187 23.20 -8.95 9.45
N PRO B 188 21.98 -9.51 9.49
CA PRO B 188 21.24 -9.66 10.74
C PRO B 188 22.02 -10.45 11.80
N SER B 189 22.83 -11.44 11.38
CA SER B 189 23.65 -12.32 12.25
C SER B 189 24.80 -11.52 12.89
N GLN B 190 25.48 -10.64 12.16
CA GLN B 190 26.69 -9.92 12.62
C GLN B 190 26.34 -8.52 13.10
N LYS B 191 25.14 -8.02 12.71
CA LYS B 191 24.61 -6.69 13.09
C LYS B 191 25.51 -5.62 12.49
N THR B 192 26.17 -5.92 11.36
CA THR B 192 27.01 -4.95 10.62
C THR B 192 26.19 -4.36 9.51
N SER B 193 26.54 -3.14 9.09
CA SER B 193 25.72 -2.49 8.06
C SER B 193 26.60 -1.51 7.27
N PHE B 194 26.26 -1.31 6.02
CA PHE B 194 27.04 -0.55 5.01
C PHE B 194 26.09 0.25 4.15
N ILE B 195 26.54 1.40 3.68
CA ILE B 195 25.61 2.22 2.87
C ILE B 195 26.44 3.06 1.92
N VAL B 196 25.90 3.29 0.73
CA VAL B 196 26.54 4.17 -0.28
C VAL B 196 25.47 4.95 -0.99
N SER B 197 25.79 6.20 -1.40
CA SER B 197 24.78 7.07 -2.01
C SER B 197 25.45 7.96 -3.04
N ASP B 198 24.83 8.07 -4.22
CA ASP B 198 25.29 9.02 -5.25
C ASP B 198 24.12 9.44 -6.11
N THR B 199 24.26 10.56 -6.84
CA THR B 199 23.18 10.98 -7.76
C THR B 199 23.43 10.28 -9.09
N VAL B 200 22.34 9.88 -9.72
CA VAL B 200 22.31 9.15 -11.02
C VAL B 200 21.14 9.72 -11.82
N ASP B 201 21.41 10.20 -13.02
CA ASP B 201 20.35 10.80 -13.85
C ASP B 201 19.78 9.67 -14.73
N LEU B 202 18.74 8.95 -14.28
CA LEU B 202 18.29 7.72 -14.98
C LEU B 202 17.85 8.07 -16.42
N LYS B 203 17.14 9.20 -16.62
CA LYS B 203 16.66 9.66 -17.96
C LYS B 203 17.78 9.65 -18.99
N SER B 204 18.97 10.08 -18.59
CA SER B 204 20.10 10.30 -19.51
C SER B 204 20.87 9.02 -19.76
N VAL B 205 20.62 7.92 -19.05
CA VAL B 205 21.44 6.67 -19.14
CA VAL B 205 21.45 6.68 -19.17
C VAL B 205 20.60 5.47 -19.58
N LEU B 206 19.36 5.34 -19.09
CA LEU B 206 18.54 4.15 -19.38
C LEU B 206 17.52 4.46 -20.48
N PRO B 207 17.06 3.43 -21.21
CA PRO B 207 15.89 3.60 -22.04
C PRO B 207 14.64 3.84 -21.19
N GLU B 208 13.54 4.15 -21.84
CA GLU B 208 12.25 4.48 -21.16
C GLU B 208 11.75 3.28 -20.36
N TRP B 209 11.94 2.09 -20.89
CA TRP B 209 11.49 0.83 -20.27
C TRP B 209 12.72 -0.01 -19.99
N VAL B 210 12.76 -0.74 -18.87
CA VAL B 210 13.93 -1.57 -18.50
C VAL B 210 13.39 -2.86 -17.93
N SER B 211 14.22 -3.88 -17.97
CA SER B 211 14.08 -5.10 -17.13
C SER B 211 14.86 -4.91 -15.81
N VAL B 212 14.26 -5.29 -14.69
CA VAL B 212 14.88 -5.20 -13.36
C VAL B 212 15.11 -6.62 -12.90
N GLY B 213 16.22 -6.81 -12.18
CA GLY B 213 16.61 -8.12 -11.67
C GLY B 213 18.07 -8.15 -11.26
N PHE B 214 18.73 -9.27 -11.52
CA PHE B 214 20.04 -9.57 -10.93
C PHE B 214 20.96 -10.17 -11.98
N SER B 215 22.24 -9.98 -11.73
CA SER B 215 23.34 -10.62 -12.51
C SER B 215 24.43 -11.05 -11.51
N ALA B 216 25.03 -12.23 -11.69
CA ALA B 216 26.08 -12.73 -10.81
C ALA B 216 27.06 -13.59 -11.60
N THR B 217 28.30 -13.62 -11.14
CA THR B 217 29.35 -14.48 -11.73
C THR B 217 30.17 -15.14 -10.62
N SER B 218 30.65 -16.34 -10.89
CA SER B 218 31.73 -17.00 -10.12
C SER B 218 33.08 -16.67 -10.77
N GLY B 219 34.18 -16.84 -10.04
CA GLY B 219 35.53 -16.53 -10.54
C GLY B 219 35.92 -17.48 -11.70
N ILE B 220 36.88 -17.07 -12.50
CA ILE B 220 37.41 -17.80 -13.69
C ILE B 220 38.56 -18.75 -13.32
N SER B 221 39.14 -18.66 -12.13
CA SER B 221 40.35 -19.44 -11.67
C SER B 221 40.01 -20.31 -10.46
N LYS B 222 40.64 -21.47 -10.37
CA LYS B 222 40.40 -22.43 -9.29
C LYS B 222 40.47 -21.71 -7.92
N GLY B 223 39.58 -22.06 -6.98
CA GLY B 223 39.58 -21.51 -5.63
C GLY B 223 39.07 -20.08 -5.53
N ASN B 224 38.60 -19.47 -6.63
CA ASN B 224 37.92 -18.15 -6.62
C ASN B 224 36.46 -18.39 -7.07
N VAL B 225 35.58 -18.71 -6.11
CA VAL B 225 34.24 -19.20 -6.45
C VAL B 225 33.26 -18.91 -5.30
N GLU B 226 31.98 -18.85 -5.62
CA GLU B 226 30.91 -18.63 -4.63
C GLU B 226 29.59 -19.03 -5.27
N THR B 227 28.62 -19.36 -4.42
CA THR B 227 27.19 -19.35 -4.77
C THR B 227 26.72 -17.88 -4.81
N ASN B 228 25.62 -17.66 -5.51
CA ASN B 228 24.99 -16.32 -5.69
C ASN B 228 23.48 -16.54 -5.64
N ASP B 229 22.95 -16.75 -4.43
CA ASP B 229 21.56 -17.15 -4.21
C ASP B 229 20.73 -15.94 -3.76
N LEU B 230 19.59 -15.73 -4.41
CA LEU B 230 18.52 -14.83 -3.90
C LEU B 230 17.42 -15.62 -3.20
N LEU B 231 17.06 -15.19 -2.01
CA LEU B 231 16.05 -15.84 -1.17
C LEU B 231 14.74 -15.08 -1.19
N SER B 232 14.73 -13.74 -1.44
CA SER B 232 13.46 -13.01 -1.40
C SER B 232 13.73 -11.67 -2.11
N TRP B 233 12.68 -11.12 -2.70
CA TRP B 233 12.82 -9.91 -3.53
C TRP B 233 11.50 -9.15 -3.52
N SER B 234 11.54 -7.85 -3.20
N SER B 234 11.53 -7.86 -3.17
N SER B 234 11.54 -7.86 -3.19
CA SER B 234 10.40 -6.93 -3.25
CA SER B 234 10.37 -6.95 -3.29
CA SER B 234 10.40 -6.91 -3.25
C SER B 234 10.83 -5.75 -4.11
C SER B 234 10.83 -5.74 -4.11
C SER B 234 10.84 -5.74 -4.12
N PHE B 235 9.94 -5.20 -4.93
CA PHE B 235 10.26 -4.09 -5.84
C PHE B 235 9.04 -3.20 -5.87
N ALA B 236 9.22 -1.89 -6.00
CA ALA B 236 8.08 -0.98 -6.15
C ALA B 236 8.60 0.19 -6.96
N SER B 237 7.83 0.63 -7.94
N SER B 237 7.84 0.62 -7.95
CA SER B 237 8.19 1.77 -8.79
CA SER B 237 8.19 1.78 -8.79
C SER B 237 6.96 2.68 -8.91
C SER B 237 6.95 2.67 -8.91
N LYS B 238 7.20 3.99 -9.04
CA LYS B 238 6.09 4.95 -9.12
C LYS B 238 6.49 6.00 -10.13
N LEU B 239 5.75 6.10 -11.21
CA LEU B 239 6.12 6.98 -12.34
C LEU B 239 5.15 8.12 -12.25
N SER B 240 5.59 9.11 -11.44
CA SER B 240 5.10 10.48 -11.13
C SER B 240 4.35 11.14 -12.29
N ALA C 8 1.23 15.56 -0.67
N ALA C 8 0.68 17.07 1.84
CA ALA C 8 0.00 14.75 -0.30
CA ALA C 8 0.10 15.71 1.90
C ALA C 8 0.23 14.01 1.02
C ALA C 8 -0.14 15.29 3.35
N ASN C 9 -0.77 14.05 1.91
N ASN C 9 -1.25 14.58 3.63
CA ASN C 9 -0.76 13.37 3.23
CA ASN C 9 -1.65 14.16 5.01
C ASN C 9 -1.62 12.10 3.15
C ASN C 9 -2.52 12.91 4.87
N ASP C 10 -1.32 11.06 3.94
N ASP C 10 -1.87 11.73 4.89
CA ASP C 10 -2.26 9.92 4.04
CA ASP C 10 -2.48 10.44 4.43
C ASP C 10 -2.32 9.35 5.47
C ASP C 10 -2.41 9.48 5.61
N ILE C 11 -3.38 8.60 5.71
CA ILE C 11 -3.54 7.80 6.93
C ILE C 11 -4.23 6.53 6.51
N SER C 12 -3.83 5.42 7.11
CA SER C 12 -4.37 4.08 6.82
C SER C 12 -4.36 3.36 8.16
N PHE C 13 -5.39 2.61 8.48
CA PHE C 13 -5.34 1.69 9.62
C PHE C 13 -6.17 0.47 9.27
N ASN C 14 -5.88 -0.61 9.97
CA ASN C 14 -6.56 -1.90 9.74
C ASN C 14 -6.68 -2.55 11.10
N PHE C 15 -7.89 -2.75 11.59
CA PHE C 15 -8.16 -3.45 12.87
C PHE C 15 -8.89 -4.74 12.53
N GLN C 16 -8.30 -5.89 12.78
CA GLN C 16 -9.04 -7.17 12.72
C GLN C 16 -9.73 -7.46 14.04
N ARG C 17 -9.31 -6.82 15.11
CA ARG C 17 -9.92 -6.88 16.47
C ARG C 17 -9.84 -5.44 17.01
N PHE C 18 -10.76 -5.02 17.85
CA PHE C 18 -10.78 -3.66 18.41
C PHE C 18 -10.05 -3.66 19.76
N ASN C 19 -9.46 -2.53 20.04
CA ASN C 19 -8.93 -2.21 21.38
C ASN C 19 -9.36 -0.76 21.73
N GLU C 20 -9.77 -0.52 22.94
CA GLU C 20 -10.16 0.84 23.44
C GLU C 20 -9.03 1.87 23.29
N THR C 21 -7.76 1.46 23.27
CA THR C 21 -6.61 2.39 23.37
C THR C 21 -6.59 3.39 22.19
N ASN C 22 -7.07 3.00 21.02
CA ASN C 22 -7.02 3.88 19.81
C ASN C 22 -8.44 4.31 19.41
N LEU C 23 -9.41 4.25 20.35
CA LEU C 23 -10.80 4.74 20.09
C LEU C 23 -11.24 5.79 21.10
N ILE C 24 -12.08 6.69 20.64
CA ILE C 24 -12.94 7.54 21.50
C ILE C 24 -14.32 6.90 21.54
N LEU C 25 -14.70 6.37 22.70
CA LEU C 25 -16.01 5.74 22.94
C LEU C 25 -16.97 6.77 23.54
N GLN C 26 -18.20 6.82 23.05
CA GLN C 26 -19.26 7.72 23.55
C GLN C 26 -20.52 6.90 23.85
N GLY C 27 -21.29 7.35 24.84
CA GLY C 27 -22.59 6.78 25.23
C GLY C 27 -22.40 5.36 25.68
N ASP C 28 -23.10 4.44 25.06
CA ASP C 28 -23.09 3.01 25.50
C ASP C 28 -21.96 2.21 24.86
N ALA C 29 -21.14 2.80 23.99
CA ALA C 29 -20.13 2.01 23.23
C ALA C 29 -19.09 1.39 24.17
N SER C 30 -18.78 0.12 23.94
CA SER C 30 -17.72 -0.56 24.71
C SER C 30 -16.94 -1.44 23.76
N VAL C 31 -15.74 -1.79 24.15
CA VAL C 31 -14.97 -2.88 23.49
C VAL C 31 -15.00 -4.10 24.42
N SER C 32 -15.46 -5.24 23.93
CA SER C 32 -15.52 -6.50 24.70
C SER C 32 -14.12 -7.10 24.87
N SER C 33 -13.96 -8.02 25.81
CA SER C 33 -12.68 -8.72 26.06
C SER C 33 -12.37 -9.66 24.89
N SER C 34 -13.34 -9.95 24.04
CA SER C 34 -13.14 -10.70 22.77
C SER C 34 -12.75 -9.73 21.64
N GLY C 35 -12.67 -8.42 21.89
CA GLY C 35 -12.27 -7.42 20.85
C GLY C 35 -13.36 -7.08 19.84
N GLN C 36 -14.63 -7.14 20.23
CA GLN C 36 -15.75 -6.60 19.41
C GLN C 36 -16.06 -5.18 19.89
N LEU C 37 -16.35 -4.31 18.94
CA LEU C 37 -16.87 -2.97 19.27
C LEU C 37 -18.39 -3.10 19.34
N ARG C 38 -18.93 -3.11 20.57
CA ARG C 38 -20.39 -3.18 20.85
C ARG C 38 -20.95 -1.78 21.03
N LEU C 39 -21.64 -1.24 20.01
CA LEU C 39 -22.01 0.20 20.08
C LEU C 39 -23.15 0.41 21.09
N THR C 40 -23.98 -0.57 21.31
CA THR C 40 -25.22 -0.41 22.11
C THR C 40 -25.20 -1.49 23.18
N ASN C 41 -26.08 -1.34 24.18
CA ASN C 41 -26.04 -2.11 25.45
C ASN C 41 -26.83 -3.40 25.37
N LEU C 42 -26.49 -4.36 26.24
CA LEU C 42 -27.27 -5.60 26.53
C LEU C 42 -27.90 -5.52 27.94
N ASN C 43 -29.16 -5.94 28.12
CA ASN C 43 -29.83 -6.10 29.45
C ASN C 43 -29.27 -7.37 30.08
N ASP C 44 -29.68 -7.64 31.34
CA ASP C 44 -29.17 -8.78 32.14
C ASP C 44 -29.61 -10.12 31.53
N ASN C 45 -30.63 -10.13 30.66
CA ASN C 45 -31.07 -11.33 29.91
C ASN C 45 -30.23 -11.55 28.63
N GLY C 46 -29.18 -10.75 28.39
CA GLY C 46 -28.27 -10.90 27.24
C GLY C 46 -28.95 -10.50 25.91
N GLU C 47 -30.00 -9.67 26.00
CA GLU C 47 -30.75 -9.13 24.85
C GLU C 47 -30.36 -7.67 24.77
N PRO C 48 -30.44 -7.00 23.60
CA PRO C 48 -30.24 -5.56 23.51
C PRO C 48 -31.30 -4.78 24.26
N THR C 49 -30.92 -3.68 24.90
CA THR C 49 -31.80 -2.82 25.71
C THR C 49 -32.37 -1.75 24.80
N LEU C 50 -33.48 -1.16 25.25
CA LEU C 50 -34.17 -0.07 24.53
C LEU C 50 -33.42 1.21 24.69
N SER C 51 -33.61 2.11 23.73
CA SER C 51 -33.12 3.52 23.80
C SER C 51 -31.60 3.58 24.03
N SER C 52 -30.84 2.58 23.57
CA SER C 52 -29.37 2.59 23.67
C SER C 52 -28.77 3.42 22.53
N LEU C 53 -27.64 4.03 22.78
CA LEU C 53 -26.94 5.01 21.88
C LEU C 53 -25.45 4.91 22.19
N GLY C 54 -24.67 4.55 21.18
CA GLY C 54 -23.19 4.51 21.29
C GLY C 54 -22.57 5.03 20.02
N ARG C 55 -21.38 5.61 20.17
CA ARG C 55 -20.52 6.02 19.06
C ARG C 55 -19.09 5.69 19.40
N ALA C 56 -18.30 5.53 18.35
CA ALA C 56 -16.86 5.22 18.51
C ALA C 56 -16.12 5.76 17.31
N PHE C 57 -15.03 6.47 17.59
CA PHE C 57 -14.23 7.11 16.53
C PHE C 57 -12.77 6.72 16.71
N TYR C 58 -12.10 6.62 15.59
CA TYR C 58 -10.63 6.61 15.61
C TYR C 58 -10.14 7.83 16.40
N SER C 59 -9.14 7.64 17.27
CA SER C 59 -8.79 8.69 18.27
C SER C 59 -7.96 9.81 17.68
N THR C 60 -7.54 9.75 16.41
CA THR C 60 -6.88 10.93 15.76
C THR C 60 -7.74 11.46 14.61
N PRO C 61 -7.98 12.80 14.53
CA PRO C 61 -8.75 13.36 13.44
C PRO C 61 -8.07 13.15 12.10
N ILE C 62 -8.92 13.08 11.08
CA ILE C 62 -8.55 12.90 9.66
C ILE C 62 -8.72 14.26 8.97
N GLN C 63 -7.77 14.67 8.17
CA GLN C 63 -7.90 15.88 7.31
C GLN C 63 -8.65 15.50 6.01
N ILE C 64 -9.83 16.06 5.82
CA ILE C 64 -10.75 15.79 4.69
C ILE C 64 -10.50 16.81 3.56
N TRP C 65 -10.12 18.02 3.90
CA TRP C 65 -9.79 19.04 2.87
C TRP C 65 -8.90 20.11 3.48
N ASP C 66 -8.28 20.94 2.64
CA ASP C 66 -7.30 21.99 3.04
C ASP C 66 -7.75 23.31 2.40
N SER C 67 -8.01 24.35 3.21
CA SER C 67 -8.54 25.65 2.70
C SER C 67 -7.45 26.42 1.97
N THR C 68 -6.19 26.33 2.42
CA THR C 68 -5.03 26.98 1.72
C THR C 68 -4.91 26.42 0.30
N THR C 69 -4.94 25.08 0.11
CA THR C 69 -4.62 24.40 -1.17
C THR C 69 -5.87 24.08 -2.01
N GLY C 70 -7.07 24.00 -1.42
CA GLY C 70 -8.30 23.53 -2.10
C GLY C 70 -8.35 22.01 -2.32
N ALA C 71 -7.32 21.27 -1.91
CA ALA C 71 -7.28 19.78 -1.91
C ALA C 71 -8.49 19.19 -1.16
N VAL C 72 -9.11 18.13 -1.70
CA VAL C 72 -10.12 17.31 -0.98
C VAL C 72 -9.59 15.87 -0.89
N ALA C 73 -9.74 15.22 0.27
CA ALA C 73 -9.32 13.82 0.42
C ALA C 73 -10.22 12.88 -0.38
N SER C 74 -9.62 11.79 -0.86
CA SER C 74 -10.32 10.56 -1.26
C SER C 74 -10.18 9.60 -0.09
N PHE C 75 -11.14 8.70 0.12
CA PHE C 75 -11.01 7.70 1.22
C PHE C 75 -11.71 6.44 0.83
N ALA C 76 -11.37 5.38 1.55
CA ALA C 76 -12.03 4.07 1.42
C ALA C 76 -12.08 3.48 2.83
N THR C 77 -13.21 2.90 3.20
CA THR C 77 -13.32 2.18 4.51
C THR C 77 -14.06 0.87 4.30
N SER C 78 -13.65 -0.15 5.02
CA SER C 78 -14.36 -1.42 5.02
C SER C 78 -14.58 -1.84 6.49
N PHE C 79 -15.66 -2.56 6.72
CA PHE C 79 -15.95 -3.06 8.09
C PHE C 79 -16.96 -4.19 8.02
N THR C 80 -16.88 -5.05 9.04
CA THR C 80 -17.83 -6.14 9.21
C THR C 80 -18.69 -5.81 10.41
N PHE C 81 -19.99 -5.92 10.27
CA PHE C 81 -20.93 -5.67 11.38
C PHE C 81 -21.89 -6.84 11.54
N ASN C 82 -22.40 -6.95 12.78
CA ASN C 82 -23.36 -7.99 13.18
C ASN C 82 -24.48 -7.31 13.97
N ILE C 83 -25.67 -7.28 13.37
CA ILE C 83 -26.92 -6.79 14.00
C ILE C 83 -27.79 -8.01 14.29
N ARG C 84 -28.06 -8.24 15.58
CA ARG C 84 -28.88 -9.39 16.07
C ARG C 84 -30.14 -8.87 16.77
N VAL C 85 -31.26 -9.45 16.38
CA VAL C 85 -32.62 -9.12 16.89
C VAL C 85 -33.12 -10.29 17.74
N PRO C 86 -33.58 -10.05 18.98
CA PRO C 86 -34.21 -11.10 19.78
C PRO C 86 -35.46 -11.69 19.09
N ASN C 87 -35.85 -12.91 19.46
CA ASN C 87 -37.09 -13.56 18.97
C ASN C 87 -38.31 -12.71 19.35
N ASN C 88 -39.29 -12.66 18.45
CA ASN C 88 -40.55 -11.87 18.60
C ASN C 88 -40.23 -10.38 18.68
N ALA C 89 -39.15 -9.96 18.01
CA ALA C 89 -38.81 -8.52 17.86
C ALA C 89 -38.47 -8.32 16.39
N GLY C 90 -38.62 -7.10 15.93
CA GLY C 90 -37.99 -6.58 14.71
C GLY C 90 -36.81 -5.66 15.08
N PRO C 91 -35.94 -5.38 14.09
CA PRO C 91 -34.73 -4.60 14.34
C PRO C 91 -35.08 -3.13 14.46
N ALA C 92 -34.29 -2.39 15.25
CA ALA C 92 -34.29 -0.93 15.28
C ALA C 92 -33.06 -0.48 16.06
N ASP C 93 -32.51 0.70 15.78
CA ASP C 93 -32.84 1.58 14.68
C ASP C 93 -31.84 1.46 13.53
N GLY C 94 -30.60 1.02 13.82
CA GLY C 94 -29.59 0.87 12.78
C GLY C 94 -28.23 1.36 13.22
N LEU C 95 -27.27 1.32 12.29
CA LEU C 95 -25.90 1.79 12.55
C LEU C 95 -25.39 2.52 11.34
N ALA C 96 -24.42 3.37 11.57
CA ALA C 96 -23.89 4.22 10.50
C ALA C 96 -22.39 4.39 10.65
N PHE C 97 -21.76 4.58 9.50
CA PHE C 97 -20.36 5.04 9.47
C PHE C 97 -20.50 6.54 9.28
N ALA C 98 -19.69 7.32 9.94
CA ALA C 98 -19.85 8.79 9.93
C ALA C 98 -18.50 9.50 9.96
N LEU C 99 -18.48 10.67 9.34
CA LEU C 99 -17.48 11.73 9.49
C LEU C 99 -18.16 12.89 10.21
N VAL C 100 -17.61 13.28 11.35
CA VAL C 100 -18.26 14.27 12.26
C VAL C 100 -17.22 15.28 12.68
N PRO C 101 -17.65 16.47 13.13
CA PRO C 101 -16.68 17.45 13.64
C PRO C 101 -15.91 16.88 14.84
N VAL C 102 -14.63 17.22 14.93
CA VAL C 102 -13.79 16.81 16.08
C VAL C 102 -14.46 17.33 17.37
N GLY C 103 -14.65 16.43 18.35
CA GLY C 103 -15.22 16.73 19.66
C GLY C 103 -16.74 16.67 19.63
N SER C 104 -17.37 16.34 18.52
CA SER C 104 -18.86 16.32 18.53
C SER C 104 -19.32 15.19 19.47
N LYS C 105 -20.45 15.43 20.09
CA LYS C 105 -21.10 14.57 21.09
C LYS C 105 -22.27 13.88 20.40
N PRO C 106 -22.70 12.72 20.93
CA PRO C 106 -23.87 12.03 20.40
C PRO C 106 -25.10 12.95 20.32
N LYS C 107 -25.92 12.75 19.29
CA LYS C 107 -27.16 13.53 19.06
C LYS C 107 -28.33 12.64 19.45
N ASP C 108 -29.44 12.67 18.71
CA ASP C 108 -30.70 12.07 19.19
C ASP C 108 -30.65 10.55 19.09
N ARG C 109 -31.46 9.89 19.93
CA ARG C 109 -31.57 8.42 20.01
C ARG C 109 -32.51 7.89 18.93
N GLY C 110 -32.82 6.61 18.96
CA GLY C 110 -33.84 6.06 18.04
C GLY C 110 -33.51 6.30 16.57
N GLY C 111 -34.50 6.78 15.82
CA GLY C 111 -34.41 6.92 14.37
C GLY C 111 -33.35 7.92 13.91
N LEU C 112 -32.81 8.74 14.81
CA LEU C 112 -31.80 9.75 14.39
C LEU C 112 -30.36 9.21 14.52
N LEU C 113 -30.20 7.96 14.94
CA LEU C 113 -28.97 7.12 14.85
C LEU C 113 -27.80 7.76 15.60
N GLY C 114 -28.07 8.69 16.51
CA GLY C 114 -27.05 9.36 17.32
C GLY C 114 -26.26 10.37 16.50
N LEU C 115 -26.67 10.63 15.25
CA LEU C 115 -25.93 11.53 14.34
C LEU C 115 -26.60 12.88 14.12
N PHE C 116 -27.92 12.94 14.19
CA PHE C 116 -28.66 14.19 13.82
C PHE C 116 -29.63 14.44 14.95
N ASP C 117 -30.16 15.64 15.01
CA ASP C 117 -31.19 15.92 16.03
C ASP C 117 -32.26 16.82 15.42
N GLY C 118 -33.26 17.23 16.20
CA GLY C 118 -34.33 18.12 15.72
C GLY C 118 -33.96 19.59 15.87
N SER C 119 -32.67 19.92 16.06
CA SER C 119 -32.16 21.32 16.17
C SER C 119 -32.14 21.96 14.77
N ASP C 120 -32.02 23.29 14.72
CA ASP C 120 -31.97 24.06 13.45
C ASP C 120 -30.50 24.26 13.03
N SER C 121 -29.55 23.71 13.78
CA SER C 121 -28.09 23.76 13.48
C SER C 121 -27.77 22.66 12.48
N LYS C 122 -26.83 22.95 11.56
CA LYS C 122 -26.16 21.95 10.69
C LYS C 122 -25.26 21.07 11.56
N ALA C 123 -25.39 19.74 11.47
CA ALA C 123 -24.56 18.78 12.23
C ALA C 123 -23.14 18.72 11.66
N HIS C 124 -22.91 19.33 10.49
CA HIS C 124 -21.67 19.23 9.66
C HIS C 124 -21.20 17.76 9.65
N THR C 125 -22.11 16.85 9.32
CA THR C 125 -21.94 15.39 9.42
C THR C 125 -22.37 14.75 8.11
N VAL C 126 -21.54 13.83 7.61
CA VAL C 126 -21.86 12.97 6.44
C VAL C 126 -21.86 11.54 6.99
N ALA C 127 -22.85 10.73 6.65
CA ALA C 127 -22.86 9.32 7.13
C ALA C 127 -23.44 8.42 6.07
N VAL C 128 -23.18 7.14 6.26
CA VAL C 128 -23.79 6.06 5.49
C VAL C 128 -24.50 5.26 6.56
N GLU C 129 -25.86 5.25 6.50
CA GLU C 129 -26.69 4.54 7.46
C GLU C 129 -27.13 3.20 6.89
N PHE C 130 -27.12 2.23 7.79
CA PHE C 130 -27.77 0.94 7.59
C PHE C 130 -29.00 0.98 8.51
N ASP C 131 -30.14 1.28 7.89
CA ASP C 131 -31.39 1.75 8.56
C ASP C 131 -32.37 0.59 8.63
N THR C 132 -32.56 0.02 9.83
CA THR C 132 -33.37 -1.18 10.08
C THR C 132 -34.80 -0.87 10.53
N LEU C 133 -35.22 0.40 10.61
CA LEU C 133 -36.55 0.76 11.17
C LEU C 133 -37.14 1.90 10.38
N TYR C 134 -38.32 1.66 9.81
CA TYR C 134 -39.07 2.67 9.06
C TYR C 134 -39.50 3.81 9.97
N ASN C 135 -39.06 5.01 9.65
CA ASN C 135 -39.53 6.26 10.26
C ASN C 135 -40.41 6.97 9.24
N ARG C 136 -41.72 7.05 9.54
CA ARG C 136 -42.75 7.53 8.59
C ARG C 136 -42.47 9.00 8.20
N ASP C 137 -41.81 9.78 9.03
CA ASP C 137 -41.64 11.22 8.70
C ASP C 137 -40.58 11.41 7.59
N TRP C 138 -39.69 10.44 7.28
CA TRP C 138 -38.59 10.73 6.32
C TRP C 138 -38.08 9.49 5.54
N ASP C 139 -38.27 8.25 6.01
CA ASP C 139 -37.65 7.07 5.38
C ASP C 139 -38.41 6.59 4.15
N PRO C 140 -37.72 5.86 3.27
CA PRO C 140 -38.41 5.03 2.28
C PRO C 140 -38.94 3.82 3.04
N ARG C 141 -39.87 3.08 2.42
CA ARG C 141 -40.68 2.05 3.06
C ARG C 141 -39.77 0.90 3.49
N GLU C 142 -38.90 0.39 2.60
CA GLU C 142 -38.13 -0.81 3.00
C GLU C 142 -36.85 -0.37 3.71
N ARG C 143 -36.32 -1.26 4.51
CA ARG C 143 -34.98 -1.08 5.13
C ARG C 143 -33.97 -0.80 3.99
N HIS C 144 -32.94 -0.02 4.31
CA HIS C 144 -32.14 0.66 3.31
C HIS C 144 -30.74 1.03 3.77
N ILE C 145 -29.87 1.23 2.79
CA ILE C 145 -28.56 1.90 2.92
C ILE C 145 -28.83 3.31 2.45
N GLY C 146 -28.48 4.28 3.27
CA GLY C 146 -28.71 5.69 2.96
C GLY C 146 -27.41 6.46 2.98
N ILE C 147 -27.34 7.51 2.17
CA ILE C 147 -26.27 8.51 2.25
C ILE C 147 -26.92 9.75 2.86
N ASP C 148 -26.40 10.19 4.01
CA ASP C 148 -26.96 11.24 4.89
C ASP C 148 -25.98 12.41 4.89
N VAL C 149 -26.44 13.56 4.43
CA VAL C 149 -25.65 14.79 4.38
C VAL C 149 -26.38 15.78 5.26
N ASN C 150 -25.93 15.98 6.49
CA ASN C 150 -26.52 16.96 7.44
C ASN C 150 -28.00 16.70 7.72
N SER C 151 -28.54 15.53 7.48
CA SER C 151 -29.97 15.23 7.76
C SER C 151 -30.16 13.72 7.79
N ILE C 152 -31.08 13.28 8.62
CA ILE C 152 -31.53 11.86 8.72
C ILE C 152 -32.36 11.51 7.49
N LYS C 153 -32.78 12.51 6.73
CA LYS C 153 -33.49 12.28 5.45
C LYS C 153 -32.45 12.17 4.34
N SER C 154 -32.10 10.93 4.00
CA SER C 154 -30.98 10.58 3.10
C SER C 154 -31.15 11.30 1.76
N ILE C 155 -30.08 11.78 1.18
CA ILE C 155 -30.09 12.34 -0.20
C ILE C 155 -30.30 11.19 -1.16
N LYS C 156 -29.99 9.95 -0.78
CA LYS C 156 -30.20 8.80 -1.66
C LYS C 156 -30.23 7.55 -0.81
N THR C 157 -31.08 6.60 -1.16
CA THR C 157 -31.17 5.30 -0.48
C THR C 157 -31.23 4.18 -1.49
N THR C 158 -30.98 2.94 -1.06
CA THR C 158 -31.19 1.74 -1.85
C THR C 158 -31.76 0.73 -0.88
N PRO C 159 -32.73 -0.09 -1.33
CA PRO C 159 -33.25 -1.14 -0.47
C PRO C 159 -32.15 -2.10 0.01
N TRP C 160 -32.33 -2.58 1.24
CA TRP C 160 -31.42 -3.50 1.93
C TRP C 160 -32.26 -4.59 2.55
N ASP C 161 -32.07 -5.84 2.12
CA ASP C 161 -32.82 -6.98 2.67
C ASP C 161 -32.01 -7.47 3.86
N PHE C 162 -32.35 -6.90 5.01
CA PHE C 162 -31.73 -7.22 6.31
C PHE C 162 -31.78 -8.72 6.56
N VAL C 163 -30.71 -9.30 7.09
CA VAL C 163 -30.64 -10.71 7.56
C VAL C 163 -30.21 -10.71 9.03
N ASN C 164 -31.08 -11.25 9.88
CA ASN C 164 -30.90 -11.26 11.35
C ASN C 164 -29.63 -12.01 11.72
N GLY C 165 -28.68 -11.37 12.41
CA GLY C 165 -27.58 -12.10 13.07
C GLY C 165 -26.50 -12.59 12.13
N GLU C 166 -26.50 -12.18 10.86
CA GLU C 166 -25.45 -12.60 9.89
C GLU C 166 -24.46 -11.46 9.65
N ASP C 167 -23.19 -11.79 9.56
CA ASP C 167 -22.12 -10.78 9.36
C ASP C 167 -22.38 -10.11 8.03
N ALA C 168 -22.33 -8.78 8.02
CA ALA C 168 -22.43 -7.96 6.81
C ALA C 168 -21.05 -7.32 6.56
N GLU C 169 -20.60 -7.27 5.31
CA GLU C 169 -19.29 -6.70 4.95
C GLU C 169 -19.60 -5.47 4.12
N VAL C 170 -19.04 -4.35 4.54
CA VAL C 170 -19.33 -3.03 3.92
C VAL C 170 -18.05 -2.51 3.27
N LEU C 171 -18.23 -1.81 2.16
CA LEU C 171 -17.15 -1.00 1.59
C LEU C 171 -17.74 0.36 1.25
N ILE C 172 -17.08 1.41 1.70
CA ILE C 172 -17.53 2.81 1.36
C ILE C 172 -16.33 3.48 0.70
N THR C 173 -16.52 4.11 -0.45
CA THR C 173 -15.42 4.84 -1.12
C THR C 173 -15.91 6.26 -1.42
N TYR C 174 -14.97 7.18 -1.43
CA TYR C 174 -15.21 8.59 -1.81
C TYR C 174 -14.05 8.98 -2.69
N ASP C 175 -14.39 9.35 -3.92
CA ASP C 175 -13.43 9.79 -4.95
C ASP C 175 -13.54 11.32 -5.06
N SER C 176 -12.53 12.06 -4.63
CA SER C 176 -12.63 13.54 -4.57
C SER C 176 -12.65 14.15 -5.98
N SER C 177 -12.24 13.44 -7.02
CA SER C 177 -12.20 13.97 -8.40
C SER C 177 -13.62 13.92 -9.01
N THR C 178 -14.45 12.92 -8.68
CA THR C 178 -15.85 12.82 -9.19
C THR C 178 -16.85 13.25 -8.12
N LYS C 179 -16.40 13.39 -6.88
CA LYS C 179 -17.24 13.69 -5.71
C LYS C 179 -18.23 12.55 -5.47
N LEU C 180 -17.95 11.37 -6.00
CA LEU C 180 -18.88 10.24 -5.85
C LEU C 180 -18.58 9.46 -4.56
N LEU C 181 -19.59 9.34 -3.73
CA LEU C 181 -19.58 8.49 -2.51
C LEU C 181 -20.36 7.23 -2.86
N VAL C 182 -19.75 6.07 -2.67
CA VAL C 182 -20.39 4.77 -3.03
C VAL C 182 -20.35 3.89 -1.80
N ALA C 183 -21.46 3.25 -1.45
CA ALA C 183 -21.51 2.31 -0.30
C ALA C 183 -22.07 1.00 -0.80
N SER C 184 -21.43 -0.10 -0.41
CA SER C 184 -21.88 -1.44 -0.78
C SER C 184 -21.89 -2.28 0.50
N LEU C 185 -22.76 -3.26 0.54
CA LEU C 185 -22.90 -4.28 1.60
C LEU C 185 -23.08 -5.63 0.92
N VAL C 186 -22.40 -6.63 1.46
N VAL C 186 -22.38 -6.63 1.43
CA VAL C 186 -22.58 -8.04 1.03
CA VAL C 186 -22.57 -8.04 1.01
C VAL C 186 -22.76 -8.87 2.31
C VAL C 186 -22.75 -8.87 2.29
N TYR C 187 -23.62 -9.88 2.22
CA TYR C 187 -23.74 -10.96 3.21
C TYR C 187 -23.05 -12.17 2.61
N PRO C 188 -21.82 -12.51 3.08
CA PRO C 188 -21.13 -13.70 2.59
C PRO C 188 -21.97 -14.99 2.71
N SER C 189 -22.80 -15.09 3.74
CA SER C 189 -23.66 -16.28 4.06
C SER C 189 -24.77 -16.39 3.02
N GLN C 190 -25.39 -15.29 2.60
CA GLN C 190 -26.57 -15.27 1.71
C GLN C 190 -26.15 -14.99 0.25
N LYS C 191 -24.94 -14.46 0.05
CA LYS C 191 -24.35 -14.07 -1.23
C LYS C 191 -25.22 -12.95 -1.86
N THR C 192 -25.85 -12.13 -1.02
CA THR C 192 -26.66 -10.97 -1.46
C THR C 192 -25.81 -9.73 -1.38
N SER C 193 -26.12 -8.74 -2.21
CA SER C 193 -25.32 -7.51 -2.22
C SER C 193 -26.19 -6.33 -2.61
N PHE C 194 -25.84 -5.16 -2.14
CA PHE C 194 -26.58 -3.89 -2.29
C PHE C 194 -25.59 -2.77 -2.50
N ILE C 195 -25.97 -1.74 -3.24
CA ILE C 195 -25.03 -0.63 -3.47
C ILE C 195 -25.85 0.63 -3.68
N VAL C 196 -25.30 1.75 -3.24
CA VAL C 196 -25.92 3.08 -3.44
C VAL C 196 -24.81 4.07 -3.73
N SER C 197 -25.09 5.10 -4.55
CA SER C 197 -24.06 6.04 -4.94
C SER C 197 -24.69 7.41 -5.13
N ASP C 198 -23.97 8.45 -4.74
CA ASP C 198 -24.39 9.84 -5.00
C ASP C 198 -23.18 10.74 -4.90
N THR C 199 -23.25 11.94 -5.48
CA THR C 199 -22.19 12.94 -5.32
C THR C 199 -22.43 13.73 -4.04
N VAL C 200 -21.33 14.02 -3.35
CA VAL C 200 -21.31 14.82 -2.11
C VAL C 200 -20.09 15.74 -2.19
N ASP C 201 -20.31 17.02 -2.02
CA ASP C 201 -19.22 18.03 -2.03
C ASP C 201 -18.75 18.15 -0.58
N LEU C 202 -17.74 17.37 -0.16
CA LEU C 202 -17.30 17.32 1.25
C LEU C 202 -16.88 18.72 1.71
N LYS C 203 -16.18 19.52 0.89
CA LYS C 203 -15.68 20.88 1.27
C LYS C 203 -16.82 21.75 1.82
N SER C 204 -17.99 21.65 1.21
CA SER C 204 -19.12 22.53 1.54
C SER C 204 -19.92 22.02 2.75
N VAL C 205 -19.66 20.83 3.26
CA VAL C 205 -20.48 20.20 4.35
C VAL C 205 -19.64 19.91 5.60
N LEU C 206 -18.42 19.41 5.44
CA LEU C 206 -17.58 19.00 6.61
C LEU C 206 -16.58 20.11 6.93
N PRO C 207 -16.14 20.19 8.20
CA PRO C 207 -14.94 20.96 8.48
C PRO C 207 -13.70 20.31 7.85
N GLU C 208 -12.58 21.00 7.94
CA GLU C 208 -11.31 20.55 7.32
C GLU C 208 -10.85 19.24 7.96
N TRP C 209 -11.07 19.09 9.25
CA TRP C 209 -10.66 17.91 10.03
C TRP C 209 -11.91 17.28 10.59
N VAL C 210 -11.98 15.94 10.61
CA VAL C 210 -13.15 15.22 11.11
C VAL C 210 -12.65 14.04 11.93
N SER C 211 -13.52 13.51 12.77
CA SER C 211 -13.38 12.17 13.38
C SER C 211 -14.15 11.17 12.51
N VAL C 212 -13.60 9.98 12.28
CA VAL C 212 -14.26 8.93 11.49
C VAL C 212 -14.55 7.79 12.46
N GLY C 213 -15.67 7.12 12.26
CA GLY C 213 -16.14 6.02 13.10
C GLY C 213 -17.60 5.68 12.88
N PHE C 214 -18.28 5.32 13.96
CA PHE C 214 -19.59 4.68 13.91
C PHE C 214 -20.51 5.29 14.94
N SER C 215 -21.79 5.16 14.64
CA SER C 215 -22.90 5.57 15.54
C SER C 215 -24.01 4.52 15.37
N ALA C 216 -24.63 4.10 16.46
CA ALA C 216 -25.75 3.16 16.42
C ALA C 216 -26.72 3.44 17.55
N THR C 217 -27.97 3.06 17.32
CA THR C 217 -29.07 3.15 18.32
C THR C 217 -29.92 1.90 18.25
N SER C 218 -30.43 1.48 19.40
CA SER C 218 -31.49 0.47 19.54
C SER C 218 -32.85 1.20 19.59
N GLY C 219 -33.94 0.48 19.30
CA GLY C 219 -35.29 1.08 19.22
C GLY C 219 -35.75 1.60 20.57
N ILE C 220 -36.66 2.55 20.58
CA ILE C 220 -37.21 3.18 21.83
C ILE C 220 -38.42 2.41 22.37
N SER C 221 -39.04 1.53 21.56
CA SER C 221 -40.30 0.81 21.92
C SER C 221 -40.05 -0.70 21.92
N LYS C 222 -40.56 -1.39 22.93
CA LYS C 222 -40.51 -2.87 23.07
C LYS C 222 -40.73 -3.54 21.71
N GLY C 223 -40.00 -4.60 21.42
CA GLY C 223 -40.22 -5.36 20.16
C GLY C 223 -39.60 -4.69 18.93
N ASN C 224 -38.90 -3.57 19.10
CA ASN C 224 -38.08 -2.93 18.06
C ASN C 224 -36.68 -2.73 18.66
N VAL C 225 -35.78 -3.70 18.54
CA VAL C 225 -34.46 -3.59 19.22
C VAL C 225 -33.40 -4.44 18.52
N GLU C 226 -32.11 -4.09 18.67
CA GLU C 226 -31.03 -4.89 18.04
C GLU C 226 -29.69 -4.62 18.76
N THR C 227 -28.77 -5.56 18.63
CA THR C 227 -27.31 -5.34 18.84
C THR C 227 -26.73 -4.62 17.64
N ASN C 228 -25.60 -3.94 17.84
CA ASN C 228 -24.92 -3.10 16.83
C ASN C 228 -23.42 -3.29 16.98
N ASP C 229 -22.93 -4.46 16.53
CA ASP C 229 -21.54 -4.92 16.79
C ASP C 229 -20.69 -4.71 15.55
N LEU C 230 -19.52 -4.11 15.71
CA LEU C 230 -18.44 -4.05 14.70
C LEU C 230 -17.35 -5.09 15.03
N LEU C 231 -16.96 -5.85 14.02
CA LEU C 231 -16.01 -6.96 14.14
C LEU C 231 -14.66 -6.59 13.55
N SER C 232 -14.59 -5.68 12.57
CA SER C 232 -13.28 -5.36 11.97
C SER C 232 -13.51 -4.05 11.22
N TRP C 233 -12.46 -3.29 11.03
CA TRP C 233 -12.55 -1.96 10.40
C TRP C 233 -11.19 -1.63 9.77
N SER C 234 -11.20 -1.24 8.50
N SER C 234 -11.21 -1.24 8.50
CA SER C 234 -10.01 -0.72 7.75
CA SER C 234 -10.03 -0.73 7.75
C SER C 234 -10.41 0.66 7.21
C SER C 234 -10.41 0.67 7.24
N PHE C 235 -9.47 1.59 7.22
CA PHE C 235 -9.73 2.97 6.71
C PHE C 235 -8.49 3.42 5.99
N ALA C 236 -8.63 4.19 4.91
CA ALA C 236 -7.47 4.83 4.28
C ALA C 236 -7.96 6.16 3.71
N SER C 237 -7.18 7.19 3.90
CA SER C 237 -7.47 8.52 3.33
C SER C 237 -6.23 9.08 2.63
N LYS C 238 -6.43 9.88 1.57
CA LYS C 238 -5.28 10.42 0.83
C LYS C 238 -5.64 11.87 0.42
N LEU C 239 -4.94 12.82 0.97
CA LEU C 239 -5.25 14.25 0.81
C LEU C 239 -4.24 14.75 -0.19
N SER C 240 -4.72 14.68 -1.43
CA SER C 240 -4.16 14.99 -2.76
C SER C 240 -3.58 16.40 -2.81
N ASN D 9 -3.50 -5.30 13.69
N ASN D 9 -3.34 -6.51 12.31
CA ASN D 9 -3.54 -3.89 14.20
CA ASN D 9 -3.55 -5.05 12.62
C ASN D 9 -2.46 -3.07 13.45
C ASN D 9 -2.43 -4.21 11.98
N ASP D 10 -2.74 -2.66 12.20
N ASP D 10 -2.75 -3.00 11.45
CA ASP D 10 -1.75 -1.99 11.31
CA ASP D 10 -1.81 -2.07 10.75
C ASP D 10 -2.14 -0.53 11.21
C ASP D 10 -2.14 -0.60 11.09
N ILE D 11 -1.14 0.30 10.98
CA ILE D 11 -1.31 1.77 11.01
C ILE D 11 -0.22 2.30 10.09
N SER D 12 -0.56 3.29 9.28
CA SER D 12 0.36 3.90 8.30
C SER D 12 -0.04 5.38 8.25
N PHE D 13 0.91 6.29 8.25
CA PHE D 13 0.58 7.71 7.97
C PHE D 13 1.74 8.31 7.22
N ASN D 14 1.43 9.39 6.52
CA ASN D 14 2.46 10.10 5.73
C ASN D 14 2.09 11.58 5.83
N PHE D 15 2.95 12.39 6.46
CA PHE D 15 2.77 13.85 6.56
C PHE D 15 3.84 14.54 5.74
N GLN D 16 3.49 15.19 4.65
CA GLN D 16 4.47 16.04 3.91
C GLN D 16 4.43 17.45 4.47
N ARG D 17 3.36 17.81 5.16
CA ARG D 17 3.27 19.03 5.99
C ARG D 17 2.64 18.57 7.30
N PHE D 18 3.05 19.17 8.38
CA PHE D 18 2.52 18.90 9.72
C PHE D 18 1.29 19.79 9.98
N ASN D 19 0.43 19.26 10.81
CA ASN D 19 -0.66 20.06 11.45
C ASN D 19 -0.73 19.67 12.91
N GLU D 20 -1.00 20.62 13.78
CA GLU D 20 -1.18 20.41 15.27
C GLU D 20 -2.28 19.37 15.56
N THR D 21 -3.27 19.24 14.67
CA THR D 21 -4.56 18.56 15.00
C THR D 21 -4.29 17.08 15.26
N ASN D 22 -3.25 16.47 14.66
CA ASN D 22 -2.99 15.00 14.85
C ASN D 22 -1.70 14.77 15.62
N LEU D 23 -1.24 15.78 16.38
CA LEU D 23 -0.01 15.67 17.23
C LEU D 23 -0.30 16.00 18.70
N ILE D 24 0.40 15.33 19.59
CA ILE D 24 0.59 15.72 21.01
C ILE D 24 1.91 16.46 21.10
N LEU D 25 1.84 17.79 21.30
CA LEU D 25 3.00 18.70 21.45
C LEU D 25 3.31 18.86 22.91
N GLN D 26 4.58 18.78 23.28
CA GLN D 26 5.06 18.94 24.66
C GLN D 26 6.21 19.93 24.65
N GLY D 27 6.34 20.68 25.76
CA GLY D 27 7.37 21.70 26.02
C GLY D 27 7.33 22.74 24.92
N ASP D 28 8.43 22.93 24.20
CA ASP D 28 8.61 24.04 23.24
C ASP D 28 8.10 23.70 21.83
N ALA D 29 7.62 22.49 21.59
CA ALA D 29 7.25 22.08 20.21
C ALA D 29 6.10 22.92 19.66
N SER D 30 6.21 23.34 18.41
CA SER D 30 5.12 24.01 17.68
C SER D 30 5.08 23.55 16.23
N VAL D 31 3.96 23.78 15.56
CA VAL D 31 3.84 23.64 14.09
C VAL D 31 3.73 25.05 13.49
N SER D 32 4.60 25.40 12.56
CA SER D 32 4.67 26.74 11.91
C SER D 32 3.54 26.86 10.88
N SER D 33 3.30 28.08 10.36
CA SER D 33 2.24 28.30 9.36
C SER D 33 2.63 27.66 8.04
N SER D 34 3.93 27.38 7.87
CA SER D 34 4.45 26.68 6.67
C SER D 34 4.33 25.16 6.85
N GLY D 35 3.85 24.67 8.01
CA GLY D 35 3.65 23.23 8.26
C GLY D 35 4.94 22.50 8.62
N GLN D 36 5.89 23.17 9.27
CA GLN D 36 7.10 22.53 9.79
C GLN D 36 6.87 22.22 11.27
N LEU D 37 7.33 21.05 11.72
CA LEU D 37 7.33 20.72 13.14
C LEU D 37 8.64 21.22 13.74
N ARG D 38 8.57 22.31 14.51
CA ARG D 38 9.73 22.95 15.17
C ARG D 38 9.78 22.45 16.61
N LEU D 39 10.70 21.52 16.91
CA LEU D 39 10.67 20.85 18.21
C LEU D 39 11.18 21.82 19.28
N THR D 40 12.08 22.72 18.90
CA THR D 40 12.72 23.61 19.89
C THR D 40 12.38 25.06 19.56
N ASN D 41 12.53 25.91 20.57
CA ASN D 41 11.96 27.29 20.63
C ASN D 41 12.73 28.25 19.73
N LEU D 42 12.04 29.09 18.96
CA LEU D 42 12.60 30.24 18.20
C LEU D 42 12.17 31.56 18.86
N ASN D 43 13.08 32.55 18.91
CA ASN D 43 12.80 33.93 19.42
C ASN D 43 12.07 34.71 18.33
N ASP D 44 11.79 36.01 18.58
CA ASP D 44 11.11 36.97 17.68
C ASP D 44 11.92 37.13 16.37
N ASN D 45 13.23 36.83 16.36
CA ASN D 45 14.07 36.96 15.14
C ASN D 45 14.08 35.64 14.36
N GLY D 46 13.34 34.61 14.80
CA GLY D 46 13.42 33.26 14.17
C GLY D 46 14.73 32.52 14.49
N GLU D 47 15.45 32.91 15.55
CA GLU D 47 16.73 32.30 16.02
C GLU D 47 16.43 31.28 17.14
N PRO D 48 17.12 30.11 17.18
CA PRO D 48 16.92 29.13 18.25
C PRO D 48 17.44 29.65 19.60
N THR D 49 16.76 29.27 20.70
CA THR D 49 17.08 29.70 22.09
C THR D 49 17.64 28.54 22.90
N LEU D 50 18.34 28.87 23.98
CA LEU D 50 19.06 27.92 24.88
C LEU D 50 18.07 27.19 25.80
N SER D 51 18.47 26.01 26.24
CA SER D 51 17.72 25.13 27.18
C SER D 51 16.32 24.81 26.68
N SER D 52 16.14 24.71 25.36
CA SER D 52 14.84 24.32 24.78
C SER D 52 14.63 22.79 24.87
N LEU D 53 13.39 22.38 24.98
CA LEU D 53 12.96 20.95 25.12
C LEU D 53 11.55 20.86 24.54
N GLY D 54 11.41 20.09 23.48
CA GLY D 54 10.15 19.87 22.78
C GLY D 54 10.06 18.40 22.39
N ARG D 55 8.84 17.89 22.45
CA ARG D 55 8.50 16.58 21.94
C ARG D 55 7.20 16.70 21.19
N ALA D 56 7.02 15.74 20.30
CA ALA D 56 5.80 15.67 19.49
C ALA D 56 5.54 14.22 19.12
N PHE D 57 4.31 13.79 19.32
CA PHE D 57 3.90 12.39 19.11
C PHE D 57 2.68 12.37 18.24
N TYR D 58 2.62 11.36 17.40
CA TYR D 58 1.35 11.02 16.72
C TYR D 58 0.29 10.80 17.82
N SER D 59 -0.91 11.35 17.61
CA SER D 59 -1.90 11.48 18.71
C SER D 59 -2.62 10.16 19.00
N THR D 60 -2.44 9.10 18.22
CA THR D 60 -2.97 7.76 18.59
C THR D 60 -1.85 6.78 18.92
N PRO D 61 -1.93 6.03 20.04
CA PRO D 61 -0.92 5.06 20.38
C PRO D 61 -0.86 3.96 19.33
N ILE D 62 0.33 3.39 19.25
CA ILE D 62 0.67 2.27 18.34
C ILE D 62 0.78 1.02 19.20
N GLN D 63 0.22 -0.08 18.75
CA GLN D 63 0.44 -1.39 19.43
C GLN D 63 1.74 -2.02 18.89
N ILE D 64 2.72 -2.17 19.77
CA ILE D 64 4.11 -2.63 19.45
C ILE D 64 4.20 -4.15 19.69
N TRP D 65 3.44 -4.67 20.65
CA TRP D 65 3.42 -6.15 20.87
C TRP D 65 2.14 -6.51 21.62
N ASP D 66 1.80 -7.78 21.68
CA ASP D 66 0.56 -8.30 22.31
C ASP D 66 0.97 -9.45 23.25
N SER D 67 0.64 -9.35 24.54
CA SER D 67 1.04 -10.36 25.58
C SER D 67 0.20 -11.64 25.42
N THR D 68 -1.06 -11.52 25.02
CA THR D 68 -1.96 -12.67 24.75
C THR D 68 -1.38 -13.50 23.62
N THR D 69 -0.99 -12.91 22.48
CA THR D 69 -0.62 -13.65 21.23
C THR D 69 0.89 -13.83 21.09
N GLY D 70 1.73 -13.06 21.81
CA GLY D 70 3.19 -13.06 21.64
C GLY D 70 3.68 -12.30 20.38
N ALA D 71 2.77 -11.76 19.59
CA ALA D 71 3.08 -10.99 18.35
C ALA D 71 3.90 -9.74 18.68
N VAL D 72 4.88 -9.40 17.85
CA VAL D 72 5.67 -8.13 17.94
C VAL D 72 5.51 -7.39 16.61
N ALA D 73 5.32 -6.07 16.65
CA ALA D 73 5.23 -5.29 15.42
C ALA D 73 6.58 -5.22 14.69
N SER D 74 6.52 -5.16 13.37
CA SER D 74 7.57 -4.63 12.49
C SER D 74 7.15 -3.20 12.17
N PHE D 75 8.10 -2.30 12.04
CA PHE D 75 7.75 -0.91 11.64
C PHE D 75 8.81 -0.30 10.78
N ALA D 76 8.44 0.82 10.14
CA ALA D 76 9.37 1.58 9.30
C ALA D 76 8.94 3.03 9.47
N THR D 77 9.91 3.91 9.62
CA THR D 77 9.63 5.37 9.65
C THR D 77 10.64 6.07 8.77
N SER D 78 10.21 7.13 8.10
CA SER D 78 11.11 8.01 7.39
C SER D 78 10.76 9.45 7.77
N PHE D 79 11.76 10.29 7.76
CA PHE D 79 11.51 11.73 8.06
C PHE D 79 12.66 12.53 7.52
N THR D 80 12.34 13.81 7.25
CA THR D 80 13.36 14.77 6.84
C THR D 80 13.48 15.78 7.99
N PHE D 81 14.69 16.00 8.44
CA PHE D 81 14.95 17.04 9.47
C PHE D 81 15.97 18.04 8.98
N ASN D 82 15.91 19.20 9.64
CA ASN D 82 16.80 20.36 9.38
C ASN D 82 17.28 20.88 10.73
N ILE D 83 18.55 20.67 11.03
CA ILE D 83 19.24 21.21 12.21
C ILE D 83 20.14 22.36 11.73
N ARG D 84 19.82 23.59 12.12
CA ARG D 84 20.56 24.83 11.78
C ARG D 84 21.18 25.47 13.03
N VAL D 85 22.45 25.76 12.94
CA VAL D 85 23.27 26.39 14.02
C VAL D 85 23.53 27.84 13.60
N PRO D 86 23.20 28.83 14.44
CA PRO D 86 23.50 30.23 14.15
C PRO D 86 25.03 30.43 14.05
N ASN D 87 25.46 31.50 13.39
CA ASN D 87 26.90 31.85 13.29
C ASN D 87 27.42 32.17 14.70
N ASN D 88 28.66 31.78 14.97
CA ASN D 88 29.32 31.97 16.29
C ASN D 88 28.58 31.10 17.33
N ALA D 89 28.05 29.96 16.90
CA ALA D 89 27.57 28.89 17.81
C ALA D 89 28.07 27.57 17.25
N GLY D 90 28.13 26.56 18.09
CA GLY D 90 28.16 25.13 17.72
C GLY D 90 26.84 24.44 18.07
N PRO D 91 26.61 23.22 17.53
CA PRO D 91 25.33 22.56 17.71
C PRO D 91 25.23 21.92 19.10
N ALA D 92 24.00 21.87 19.61
CA ALA D 92 23.62 21.04 20.78
C ALA D 92 22.11 21.04 20.87
N ASP D 93 21.52 19.99 21.42
CA ASP D 93 22.13 18.73 21.81
C ASP D 93 21.80 17.63 20.77
N GLY D 94 20.72 17.78 19.99
CA GLY D 94 20.33 16.75 19.03
C GLY D 94 18.84 16.51 19.01
N LEU D 95 18.42 15.54 18.20
CA LEU D 95 17.02 15.12 18.07
C LEU D 95 16.94 13.61 17.93
N ALA D 96 15.80 13.08 18.28
CA ALA D 96 15.60 11.61 18.34
C ALA D 96 14.21 11.25 17.92
N PHE D 97 14.11 10.10 17.30
CA PHE D 97 12.84 9.45 17.02
C PHE D 97 12.66 8.48 18.18
N ALA D 98 11.49 8.42 18.75
CA ALA D 98 11.30 7.61 19.99
C ALA D 98 9.93 6.93 20.00
N LEU D 99 9.91 5.78 20.68
CA LEU D 99 8.76 5.05 21.15
C LEU D 99 8.77 5.18 22.67
N VAL D 100 7.71 5.73 23.23
CA VAL D 100 7.64 6.08 24.68
C VAL D 100 6.29 5.61 25.21
N PRO D 101 6.17 5.41 26.54
CA PRO D 101 4.89 5.02 27.13
C PRO D 101 3.82 6.04 26.81
N VAL D 102 2.60 5.56 26.62
CA VAL D 102 1.44 6.48 26.42
C VAL D 102 1.34 7.42 27.62
N GLY D 103 1.27 8.73 27.39
CA GLY D 103 1.13 9.78 28.42
C GLY D 103 2.46 10.16 29.05
N SER D 104 3.56 9.64 28.56
CA SER D 104 4.93 9.96 29.03
C SER D 104 5.14 11.48 28.94
N LYS D 105 5.81 12.04 29.93
CA LYS D 105 6.11 13.49 30.01
C LYS D 105 7.57 13.67 29.62
N PRO D 106 7.97 14.86 29.15
CA PRO D 106 9.37 15.11 28.84
C PRO D 106 10.25 14.83 30.07
N LYS D 107 11.47 14.35 29.85
CA LYS D 107 12.46 14.07 30.91
C LYS D 107 13.50 15.20 30.88
N ASP D 108 14.77 14.88 31.05
CA ASP D 108 15.83 15.90 31.27
C ASP D 108 16.17 16.63 29.98
N ARG D 109 16.63 17.86 30.16
CA ARG D 109 17.03 18.80 29.07
C ARG D 109 18.43 18.43 28.56
N GLY D 110 19.01 19.25 27.70
CA GLY D 110 20.43 19.10 27.34
C GLY D 110 20.72 17.74 26.72
N GLY D 111 21.81 17.14 27.19
CA GLY D 111 22.33 15.88 26.65
C GLY D 111 21.37 14.71 26.79
N LEU D 112 20.32 14.82 27.58
CA LEU D 112 19.40 13.66 27.80
C LEU D 112 18.22 13.70 26.81
N LEU D 113 18.16 14.70 25.94
CA LEU D 113 17.35 14.75 24.71
C LEU D 113 15.86 14.70 25.05
N GLY D 114 15.47 14.98 26.31
CA GLY D 114 14.08 15.00 26.71
C GLY D 114 13.53 13.60 26.87
N LEU D 115 14.36 12.57 26.75
CA LEU D 115 13.92 11.17 26.72
C LEU D 115 14.30 10.41 28.00
N PHE D 116 15.39 10.76 28.65
CA PHE D 116 15.92 9.92 29.76
C PHE D 116 16.22 10.89 30.94
N ASP D 117 16.75 10.38 32.02
CA ASP D 117 16.93 11.16 33.30
C ASP D 117 18.07 10.55 34.13
N LYS D 122 15.24 2.88 33.82
CA LYS D 122 14.16 2.26 32.99
C LYS D 122 13.03 3.27 32.74
N ALA D 123 13.12 4.05 31.64
CA ALA D 123 12.08 5.00 31.17
C ALA D 123 11.17 4.35 30.11
N HIS D 124 11.28 3.02 29.97
CA HIS D 124 10.57 2.18 28.96
C HIS D 124 10.51 2.91 27.61
N THR D 125 11.67 3.34 27.13
CA THR D 125 11.82 4.17 25.91
C THR D 125 12.88 3.55 25.02
N VAL D 126 12.58 3.41 23.73
CA VAL D 126 13.55 3.04 22.65
C VAL D 126 13.66 4.27 21.75
N ALA D 127 14.86 4.69 21.39
CA ALA D 127 15.03 5.88 20.54
C ALA D 127 16.22 5.69 19.61
N VAL D 128 16.19 6.47 18.53
CA VAL D 128 17.30 6.61 17.59
C VAL D 128 17.65 8.09 17.67
N GLU D 129 18.84 8.38 18.20
CA GLU D 129 19.32 9.77 18.42
C GLU D 129 20.25 10.18 17.30
N PHE D 130 20.11 11.42 16.91
CA PHE D 130 21.04 12.17 16.08
C PHE D 130 21.66 13.21 17.04
N ASP D 131 22.85 12.88 17.51
CA ASP D 131 23.49 13.43 18.73
C ASP D 131 24.59 14.40 18.29
N THR D 132 24.34 15.71 18.44
CA THR D 132 25.22 16.79 17.92
C THR D 132 26.22 17.31 18.98
N LEU D 133 26.21 16.77 20.20
CA LEU D 133 27.07 17.31 21.30
C LEU D 133 27.66 16.16 22.09
N TYR D 134 28.99 16.13 22.17
CA TYR D 134 29.74 15.15 22.96
C TYR D 134 29.45 15.36 24.46
N ASN D 135 28.89 14.34 25.10
CA ASN D 135 28.75 14.27 26.58
C ASN D 135 29.74 13.22 27.03
N ARG D 136 30.88 13.59 27.66
CA ARG D 136 32.03 12.66 27.85
C ARG D 136 31.61 11.51 28.79
N ASP D 137 30.61 11.69 29.66
CA ASP D 137 30.23 10.59 30.60
C ASP D 137 29.61 9.38 29.86
N TRP D 138 29.13 9.52 28.61
CA TRP D 138 28.51 8.33 27.95
C TRP D 138 28.69 8.31 26.42
N ASP D 139 28.97 9.44 25.77
CA ASP D 139 29.01 9.49 24.28
C ASP D 139 30.33 9.02 23.73
N PRO D 140 30.34 8.58 22.46
CA PRO D 140 31.58 8.54 21.69
C PRO D 140 31.89 9.98 21.29
N ARG D 141 33.13 10.24 20.87
CA ARG D 141 33.64 11.62 20.72
C ARG D 141 33.04 12.31 19.50
N GLU D 142 32.88 11.63 18.38
CA GLU D 142 32.30 12.30 17.19
C GLU D 142 30.77 12.30 17.30
N ARG D 143 30.15 13.28 16.68
CA ARG D 143 28.71 13.29 16.45
C ARG D 143 28.30 11.95 15.82
N HIS D 144 27.10 11.48 16.16
CA HIS D 144 26.76 10.07 15.96
C HIS D 144 25.25 9.88 15.84
N ILE D 145 24.90 8.75 15.22
CA ILE D 145 23.56 8.19 15.24
C ILE D 145 23.67 7.12 16.30
N GLY D 146 22.72 7.09 17.24
CA GLY D 146 22.75 6.05 18.29
C GLY D 146 21.45 5.31 18.40
N ILE D 147 21.53 4.05 18.82
CA ILE D 147 20.33 3.28 19.21
C ILE D 147 20.29 3.24 20.73
N ASP D 148 19.22 3.76 21.33
CA ASP D 148 19.05 4.03 22.78
C ASP D 148 17.95 3.12 23.29
N VAL D 149 18.28 2.22 24.18
CA VAL D 149 17.33 1.27 24.79
C VAL D 149 17.32 1.60 26.29
N ASN D 150 16.36 2.39 26.75
CA ASN D 150 16.19 2.77 28.17
C ASN D 150 17.40 3.50 28.72
N SER D 151 18.27 4.10 27.91
CA SER D 151 19.44 4.84 28.43
C SER D 151 19.97 5.78 27.37
N ILE D 152 20.48 6.95 27.79
CA ILE D 152 21.16 7.93 26.90
C ILE D 152 22.50 7.34 26.44
N LYS D 153 22.96 6.27 27.09
CA LYS D 153 24.19 5.57 26.68
C LYS D 153 23.82 4.49 25.66
N SER D 154 24.00 4.80 24.38
CA SER D 154 23.52 4.00 23.23
C SER D 154 24.07 2.59 23.32
N ILE D 155 23.30 1.60 22.95
CA ILE D 155 23.78 0.20 22.80
C ILE D 155 24.69 0.12 21.59
N LYS D 156 24.55 1.04 20.64
CA LYS D 156 25.40 1.02 19.44
C LYS D 156 25.33 2.42 18.84
N THR D 157 26.42 2.88 18.26
CA THR D 157 26.48 4.20 17.58
C THR D 157 27.24 4.05 16.28
N THR D 158 27.12 5.04 15.38
CA THR D 158 27.93 5.12 14.19
C THR D 158 28.23 6.59 14.02
N PRO D 159 29.44 6.94 13.56
CA PRO D 159 29.76 8.34 13.32
C PRO D 159 28.83 8.99 12.33
N TRP D 160 28.55 10.28 12.55
CA TRP D 160 27.66 11.10 11.69
C TRP D 160 28.38 12.43 11.44
N ASP D 161 28.70 12.73 10.19
CA ASP D 161 29.35 13.99 9.79
C ASP D 161 28.24 15.00 9.59
N PHE D 162 27.93 15.66 10.68
CA PHE D 162 26.86 16.67 10.74
C PHE D 162 27.14 17.75 9.70
N VAL D 163 26.09 18.20 9.02
CA VAL D 163 26.14 19.33 8.06
C VAL D 163 25.12 20.36 8.49
N ASN D 164 25.62 21.53 8.87
CA ASN D 164 24.82 22.64 9.37
C ASN D 164 23.76 23.07 8.34
N GLY D 165 22.49 23.00 8.68
CA GLY D 165 21.43 23.68 7.93
C GLY D 165 21.02 22.96 6.67
N GLU D 166 21.50 21.74 6.42
CA GLU D 166 21.11 20.97 5.23
C GLU D 166 20.11 19.87 5.63
N ASP D 167 19.15 19.62 4.76
CA ASP D 167 18.10 18.63 5.00
C ASP D 167 18.77 17.27 5.14
N ALA D 168 18.38 16.51 6.15
CA ALA D 168 18.80 15.09 6.34
C ALA D 168 17.59 14.19 6.15
N GLU D 169 17.76 13.07 5.44
CA GLU D 169 16.64 12.13 5.22
C GLU D 169 17.01 10.87 6.00
N VAL D 170 16.09 10.43 6.83
CA VAL D 170 16.29 9.27 7.72
C VAL D 170 15.36 8.17 7.28
N LEU D 171 15.83 6.92 7.47
CA LEU D 171 14.94 5.76 7.42
C LEU D 171 15.31 4.89 8.62
N ILE D 172 14.32 4.50 9.38
CA ILE D 172 14.51 3.55 10.51
C ILE D 172 13.60 2.38 10.25
N THR D 173 14.12 1.15 10.35
CA THR D 173 13.27 -0.04 10.20
C THR D 173 13.49 -0.97 11.39
N TYR D 174 12.46 -1.70 11.74
CA TYR D 174 12.48 -2.72 12.81
C TYR D 174 11.76 -3.94 12.26
N ASP D 175 12.49 -5.04 12.20
CA ASP D 175 11.99 -6.33 11.65
C ASP D 175 11.80 -7.26 12.85
N SER D 176 10.57 -7.59 13.22
CA SER D 176 10.32 -8.36 14.48
C SER D 176 10.79 -9.81 14.30
N SER D 177 11.02 -10.31 13.08
CA SER D 177 11.48 -11.72 12.88
C SER D 177 13.01 -11.81 13.17
N THR D 178 13.81 -10.79 12.90
CA THR D 178 15.27 -10.77 13.19
C THR D 178 15.58 -9.92 14.43
N LYS D 179 14.60 -9.16 14.92
CA LYS D 179 14.76 -8.16 16.00
C LYS D 179 15.79 -7.10 15.62
N LEU D 180 16.05 -6.93 14.34
CA LEU D 180 17.03 -5.94 13.87
C LEU D 180 16.37 -4.57 13.71
N LEU D 181 16.91 -3.59 14.39
CA LEU D 181 16.62 -2.14 14.22
C LEU D 181 17.76 -1.56 13.38
N VAL D 182 17.43 -0.91 12.29
CA VAL D 182 18.45 -0.28 11.41
C VAL D 182 18.08 1.18 11.25
N ALA D 183 19.03 2.10 11.40
CA ALA D 183 18.80 3.53 11.10
C ALA D 183 19.81 3.98 10.06
N SER D 184 19.35 4.77 9.10
CA SER D 184 20.21 5.33 8.05
C SER D 184 19.84 6.80 7.90
N LEU D 185 20.81 7.58 7.50
CA LEU D 185 20.68 9.04 7.22
C LEU D 185 21.45 9.30 5.95
N VAL D 186 20.87 10.13 5.08
CA VAL D 186 21.54 10.62 3.86
C VAL D 186 21.33 12.12 3.82
N TYR D 187 22.35 12.83 3.36
CA TYR D 187 22.27 14.26 2.99
C TYR D 187 22.21 14.30 1.47
N PRO D 188 21.05 14.58 0.86
CA PRO D 188 20.95 14.59 -0.60
C PRO D 188 21.89 15.63 -1.25
N SER D 189 22.13 16.73 -0.55
CA SER D 189 23.02 17.86 -0.96
C SER D 189 24.49 17.41 -0.99
N GLN D 190 24.95 16.60 -0.03
CA GLN D 190 26.35 16.22 0.14
C GLN D 190 26.60 14.81 -0.44
N LYS D 191 25.54 14.03 -0.63
CA LYS D 191 25.57 12.64 -1.12
C LYS D 191 26.29 11.76 -0.11
N THR D 192 26.32 12.14 1.16
CA THR D 192 26.90 11.34 2.25
C THR D 192 25.82 10.48 2.90
N SER D 193 26.21 9.36 3.50
CA SER D 193 25.24 8.46 4.10
C SER D 193 25.89 7.71 5.24
N PHE D 194 25.07 7.33 6.23
CA PHE D 194 25.48 6.71 7.49
C PHE D 194 24.48 5.66 7.87
N ILE D 195 24.92 4.61 8.57
CA ILE D 195 23.95 3.55 8.92
C ILE D 195 24.46 2.88 10.19
N VAL D 196 23.53 2.42 11.01
CA VAL D 196 23.83 1.66 12.25
C VAL D 196 22.75 0.63 12.44
N SER D 197 23.08 -0.52 13.00
CA SER D 197 22.12 -1.61 13.15
C SER D 197 22.43 -2.39 14.42
N ASP D 198 21.38 -2.82 15.13
CA ASP D 198 21.55 -3.69 16.31
C ASP D 198 20.26 -4.40 16.54
N THR D 199 20.29 -5.50 17.29
CA THR D 199 19.06 -6.20 17.70
C THR D 199 18.50 -5.52 18.95
N VAL D 200 17.20 -5.44 19.02
CA VAL D 200 16.44 -4.90 20.19
C VAL D 200 15.25 -5.83 20.42
N ASP D 201 15.11 -6.33 21.63
CA ASP D 201 13.94 -7.13 22.05
C ASP D 201 12.87 -6.16 22.56
N LEU D 202 11.98 -5.69 21.67
CA LEU D 202 11.00 -4.63 22.05
C LEU D 202 10.09 -5.11 23.18
N LYS D 203 9.69 -6.38 23.20
CA LYS D 203 8.78 -6.97 24.23
C LYS D 203 9.32 -6.74 25.62
N SER D 204 10.62 -6.86 25.80
CA SER D 204 11.26 -6.79 27.13
C SER D 204 11.51 -5.35 27.57
N VAL D 205 11.35 -4.35 26.71
CA VAL D 205 11.71 -2.94 27.06
C VAL D 205 10.50 -1.99 26.95
N LEU D 206 9.63 -2.16 25.96
CA LEU D 206 8.49 -1.23 25.77
C LEU D 206 7.22 -1.83 26.35
N PRO D 207 6.28 -0.97 26.76
CA PRO D 207 4.93 -1.46 27.01
C PRO D 207 4.27 -1.94 25.71
N GLU D 208 3.10 -2.52 25.83
CA GLU D 208 2.35 -3.10 24.65
C GLU D 208 1.97 -1.99 23.65
N TRP D 209 1.60 -0.84 24.18
CA TRP D 209 1.16 0.32 23.40
C TRP D 209 2.15 1.45 23.68
N VAL D 210 2.50 2.24 22.65
CA VAL D 210 3.47 3.35 22.77
C VAL D 210 2.93 4.52 21.99
N SER D 211 3.46 5.69 22.27
CA SER D 211 3.38 6.88 21.42
C SER D 211 4.66 6.96 20.57
N VAL D 212 4.54 7.28 19.29
CA VAL D 212 5.70 7.40 18.39
C VAL D 212 5.81 8.88 18.02
N GLY D 213 7.03 9.35 17.90
CA GLY D 213 7.31 10.77 17.56
C GLY D 213 8.76 11.12 17.82
N PHE D 214 8.98 12.34 18.30
CA PHE D 214 10.31 12.96 18.33
C PHE D 214 10.52 13.68 19.65
N SER D 215 11.77 13.82 20.00
CA SER D 215 12.25 14.61 21.15
C SER D 215 13.53 15.32 20.76
N ALA D 216 13.68 16.57 21.14
CA ALA D 216 14.88 17.36 20.82
C ALA D 216 15.13 18.39 21.93
N THR D 217 16.38 18.73 22.11
CA THR D 217 16.83 19.77 23.07
C THR D 217 17.88 20.65 22.39
N SER D 218 17.90 21.92 22.77
CA SER D 218 19.00 22.86 22.41
C SER D 218 19.96 22.88 23.61
N GLY D 219 21.19 23.33 23.43
CA GLY D 219 22.20 23.32 24.49
C GLY D 219 21.85 24.26 25.66
N ILE D 220 22.40 23.97 26.81
CA ILE D 220 22.13 24.69 28.10
C ILE D 220 23.12 25.84 28.31
N SER D 221 24.21 25.90 27.54
CA SER D 221 25.29 26.92 27.66
C SER D 221 25.35 27.78 26.40
N LYS D 222 25.57 29.08 26.59
CA LYS D 222 25.76 30.07 25.49
C LYS D 222 26.60 29.46 24.36
N GLY D 223 26.19 29.70 23.11
CA GLY D 223 26.96 29.29 21.92
C GLY D 223 26.88 27.79 21.63
N ASN D 224 26.03 27.04 22.33
CA ASN D 224 25.67 25.63 22.00
C ASN D 224 24.16 25.56 21.76
N VAL D 225 23.73 25.67 20.52
CA VAL D 225 22.30 25.80 20.21
C VAL D 225 22.04 25.36 18.77
N GLU D 226 20.80 24.96 18.48
CA GLU D 226 20.39 24.57 17.13
C GLU D 226 18.88 24.60 17.03
N THR D 227 18.37 24.79 15.82
CA THR D 227 16.98 24.45 15.47
C THR D 227 16.89 22.92 15.37
N ASN D 228 15.67 22.40 15.55
CA ASN D 228 15.38 20.93 15.49
C ASN D 228 14.07 20.78 14.76
N ASP D 229 14.10 20.99 13.44
CA ASP D 229 12.91 21.07 12.59
C ASP D 229 12.69 19.75 11.87
N LEU D 230 11.46 19.23 11.93
CA LEU D 230 10.98 18.13 11.05
C LEU D 230 10.15 18.71 9.90
N LEU D 231 10.45 18.27 8.70
CA LEU D 231 9.79 18.75 7.47
C LEU D 231 8.80 17.70 6.94
N SER D 232 8.97 16.40 7.23
CA SER D 232 8.06 15.38 6.72
C SER D 232 8.30 14.14 7.56
N TRP D 233 7.28 13.32 7.67
CA TRP D 233 7.29 12.12 8.53
C TRP D 233 6.33 11.10 7.95
N SER D 234 6.80 9.87 7.73
N SER D 234 6.81 9.88 7.70
CA SER D 234 6.00 8.69 7.34
CA SER D 234 5.95 8.73 7.36
C SER D 234 6.27 7.59 8.36
C SER D 234 6.27 7.59 8.33
N PHE D 235 5.25 6.82 8.71
CA PHE D 235 5.37 5.75 9.73
C PHE D 235 4.45 4.64 9.28
N ALA D 236 4.86 3.38 9.49
CA ALA D 236 3.99 2.26 9.19
C ALA D 236 4.36 1.17 10.17
N SER D 237 3.36 0.54 10.74
CA SER D 237 3.56 -0.59 11.66
C SER D 237 2.65 -1.73 11.26
N LYS D 238 3.07 -2.95 11.57
CA LYS D 238 2.25 -4.14 11.21
C LYS D 238 2.46 -5.15 12.32
N LEU D 239 1.41 -5.40 13.06
CA LEU D 239 1.41 -6.27 14.23
C LEU D 239 0.78 -7.54 13.70
N SER D 240 1.72 -8.39 13.32
CA SER D 240 1.65 -9.78 12.81
C SER D 240 0.78 -10.65 13.74
C1 NAG E . 4.81 3.14 -24.89
C2 NAG E . 4.37 4.48 -25.51
C3 NAG E . 5.14 4.73 -26.80
C4 NAG E . 6.63 4.63 -26.52
C5 NAG E . 6.91 3.25 -25.89
C6 NAG E . 8.35 2.91 -25.68
C7 NAG E . 2.10 5.34 -25.55
C8 NAG E . 0.68 5.12 -25.97
N2 NAG E . 2.98 4.38 -25.87
O3 NAG E . 4.75 5.98 -27.37
O4 NAG E . 7.29 4.57 -27.77
O5 NAG E . 6.21 3.20 -24.64
O6 NAG E . 8.89 3.89 -24.82
O7 NAG E . 2.43 6.25 -24.81
C1 NAG E . 8.26 5.59 -28.00
C2 NAG E . 9.18 5.17 -29.15
C3 NAG E . 10.13 6.31 -29.53
C4 NAG E . 9.40 7.66 -29.62
C5 NAG E . 8.55 7.90 -28.36
C6 NAG E . 7.77 9.20 -28.45
C7 NAG E . 9.63 2.74 -29.06
C8 NAG E . 10.52 1.69 -28.49
N2 NAG E . 9.99 4.00 -28.81
O3 NAG E . 10.75 6.00 -30.80
O4 NAG E . 10.35 8.72 -29.67
O5 NAG E . 7.58 6.81 -28.24
O6 NAG E . 6.89 9.13 -29.58
O7 NAG E . 8.63 2.48 -29.72
C1 BMA E . 10.63 9.11 -31.00
C2 BMA E . 11.06 10.58 -31.00
C3 BMA E . 11.42 11.01 -32.39
C4 BMA E . 12.45 10.08 -32.99
C5 BMA E . 12.00 8.64 -32.90
C6 BMA E . 13.06 7.68 -33.37
O2 BMA E . 12.18 10.73 -30.12
O3 BMA E . 11.96 12.33 -32.42
O4 BMA E . 12.54 10.44 -34.35
O5 BMA E . 11.71 8.30 -31.52
O6 BMA E . 12.43 6.46 -33.60
C1 MAN E . 13.41 5.58 -34.11
C2 MAN E . 12.72 4.24 -34.33
C3 MAN E . 12.37 3.60 -33.00
C4 MAN E . 13.63 3.44 -32.16
C5 MAN E . 14.22 4.84 -31.96
C6 MAN E . 15.49 4.84 -31.15
O2 MAN E . 13.58 3.39 -35.09
O3 MAN E . 11.76 2.35 -33.18
O4 MAN E . 13.29 2.88 -30.88
O5 MAN E . 14.55 5.42 -33.26
O6 MAN E . 16.41 3.93 -31.78
C1 MAN E . 17.72 3.98 -31.18
C2 MAN E . 18.54 2.95 -32.01
C3 MAN E . 18.06 1.53 -31.78
C4 MAN E . 18.11 1.26 -30.30
C5 MAN E . 17.26 2.26 -29.52
C6 MAN E . 17.38 2.04 -28.02
O2 MAN E . 19.93 3.08 -31.73
O3 MAN E . 18.89 0.55 -32.40
O4 MAN E . 17.65 -0.06 -30.11
O5 MAN E . 17.71 3.61 -29.78
O6 MAN E . 16.89 3.16 -27.28
C1 MAN E . 20.48 4.11 -32.61
C2 MAN E . 21.93 3.74 -32.77
C3 MAN E . 22.57 3.78 -31.36
C4 MAN E . 22.59 5.23 -30.93
C5 MAN E . 21.09 5.67 -30.79
C6 MAN E . 20.93 7.13 -30.43
O2 MAN E . 22.55 4.66 -33.69
O3 MAN E . 23.87 3.19 -31.32
O4 MAN E . 23.31 5.29 -29.69
O5 MAN E . 20.37 5.46 -32.08
O6 MAN E . 19.62 7.59 -30.76
C1 MAN E . 10.52 2.27 -32.53
C2 MAN E . 10.29 0.77 -32.56
C3 MAN E . 9.99 0.17 -33.93
C4 MAN E . 8.94 1.00 -34.63
C5 MAN E . 9.36 2.46 -34.64
C6 MAN E . 8.39 3.34 -35.37
O2 MAN E . 9.16 0.53 -31.78
O3 MAN E . 9.56 -1.18 -33.78
O4 MAN E . 8.81 0.56 -35.99
O5 MAN E . 9.49 2.95 -33.22
O6 MAN E . 8.95 4.65 -35.58
C1 MAN E . 10.94 13.34 -32.60
C2 MAN E . 11.63 14.50 -33.36
C3 MAN E . 12.81 15.03 -32.53
C4 MAN E . 12.45 15.30 -31.09
C5 MAN E . 11.69 14.10 -30.45
C6 MAN E . 11.21 14.37 -29.04
O2 MAN E . 10.73 15.54 -33.75
O3 MAN E . 13.24 16.22 -33.16
O4 MAN E . 13.64 15.57 -30.35
O5 MAN E . 10.51 13.78 -31.28
O6 MAN E . 10.96 15.77 -28.91
C1 NAG F . 6.42 -22.97 -10.04
C2 NAG F . 6.90 -24.24 -9.32
C3 NAG F . 6.81 -25.44 -10.28
C4 NAG F . 5.51 -25.49 -11.09
C5 NAG F . 5.07 -24.10 -11.58
C6 NAG F . 3.66 -24.08 -12.17
C7 NAG F . 8.67 -24.00 -7.64
C8 NAG F . 10.14 -23.86 -7.39
N2 NAG F . 8.29 -24.07 -8.91
O3 NAG F . 6.97 -26.57 -9.44
O4 NAG F . 5.75 -26.24 -12.30
O5 NAG F . 5.09 -23.17 -10.50
O6 NAG F . 2.72 -24.29 -11.15
O7 NAG F . 7.86 -23.99 -6.73
C1 NAG F . 4.82 -27.30 -12.53
C2 NAG F . 5.05 -27.90 -13.92
C3 NAG F . 4.09 -29.07 -14.10
C4 NAG F . 4.37 -30.08 -13.00
C5 NAG F . 4.06 -29.39 -11.66
C6 NAG F . 4.27 -30.24 -10.44
C7 NAG F . 6.01 -26.51 -15.69
C8 NAG F . 5.79 -25.30 -16.56
N2 NAG F . 4.94 -26.93 -14.99
O3 NAG F . 4.23 -29.64 -15.41
O4 NAG F . 3.63 -31.29 -13.17
O5 NAG F . 4.98 -28.29 -11.53
O6 NAG F . 5.46 -30.96 -10.64
O7 NAG F . 7.10 -27.08 -15.65
C1 NAG G . -6.26 -3.60 24.71
C2 NAG G . -6.79 -4.92 25.25
C3 NAG G . -6.55 -4.97 26.75
C4 NAG G . -5.10 -4.61 27.05
C5 NAG G . -4.80 -3.23 26.47
C6 NAG G . -3.41 -2.70 26.76
C7 NAG G . -8.67 -6.07 24.34
C8 NAG G . -10.13 -6.01 24.03
N2 NAG G . -8.21 -5.07 25.07
O3 NAG G . -6.89 -6.26 27.22
O4 NAG G . -5.02 -4.57 28.47
O5 NAG G . -4.91 -3.37 25.04
O6 NAG G . -2.44 -3.68 26.50
O7 NAG G . -7.91 -6.94 23.92
C1 NAG G . -3.85 -5.18 28.98
C2 NAG G . -3.86 -4.98 30.50
C3 NAG G . -2.56 -5.54 31.04
C4 NAG G . -2.42 -7.00 30.63
C5 NAG G . -2.55 -7.16 29.12
C6 NAG G . -2.61 -8.61 28.67
C7 NAG G . -5.25 -2.99 31.05
C8 NAG G . -6.48 -3.84 31.11
N2 NAG G . -4.06 -3.59 30.86
O3 NAG G . -2.53 -5.39 32.45
O4 NAG G . -1.11 -7.44 31.04
O5 NAG G . -3.77 -6.55 28.64
O6 NAG G . -3.94 -9.15 28.60
O7 NAG G . -5.30 -1.77 31.18
C1 NAG H . -3.96 22.98 10.99
C2 NAG H . -3.55 24.33 10.38
C3 NAG H . -4.32 25.44 11.08
C4 NAG H . -5.82 25.15 11.23
C5 NAG H . -6.11 23.69 11.55
C6 NAG H . -7.58 23.33 11.45
C7 NAG H . -1.36 24.65 9.29
C8 NAG H . 0.12 24.66 9.52
N2 NAG H . -2.12 24.61 10.40
O3 NAG H . -4.10 26.61 10.30
O4 NAG H . -6.26 25.79 12.43
O5 NAG H . -5.34 22.86 10.66
O6 NAG H . -8.01 23.42 10.13
O7 NAG H . -1.84 24.68 8.15
C1 NAG H . -7.36 26.69 12.29
C2 NAG H . -7.97 27.01 13.65
C3 NAG H . -8.96 28.16 13.54
C4 NAG H . -8.50 29.29 12.64
C5 NAG H . -7.85 28.80 11.33
C6 NAG H . -7.13 29.86 10.54
C7 NAG H . -8.36 25.14 15.19
C8 NAG H . -9.02 23.80 15.22
N2 NAG H . -8.75 25.93 14.20
O3 NAG H . -9.20 28.62 14.86
O4 NAG H . -9.70 30.02 12.36
O5 NAG H . -6.83 27.87 11.71
O6 NAG H . -6.25 30.61 11.43
O7 NAG H . -7.52 25.50 16.00
C1 BMA H . -9.41 31.44 12.40
C2 BMA H . -10.58 32.14 11.82
C3 BMA H . -10.42 33.64 11.93
C4 BMA H . -10.18 34.00 13.37
C5 BMA H . -8.97 33.27 13.91
C6 BMA H . -8.82 33.50 15.39
O2 BMA H . -11.74 31.69 12.50
O3 BMA H . -11.59 34.28 11.42
O4 BMA H . -9.88 35.36 13.53
O5 BMA H . -9.13 31.84 13.75
O6 BMA H . -9.97 33.01 16.07
C1 MAN H . -10.04 33.41 17.43
C2 MAN H . -11.36 32.92 17.99
C3 MAN H . -12.52 33.68 17.35
C4 MAN H . -12.32 35.18 17.60
C5 MAN H . -10.98 35.61 17.00
C6 MAN H . -10.67 37.08 17.24
O2 MAN H . -11.36 33.06 19.40
O3 MAN H . -13.79 33.20 17.82
O4 MAN H . -13.32 35.96 16.93
O5 MAN H . -9.92 34.84 17.59
O6 MAN H . -10.43 37.32 18.63
C1 MAN H . -10.43 38.71 18.95
C2 MAN H . -10.02 38.90 20.44
C3 MAN H . -11.07 38.30 21.34
C4 MAN H . -12.44 38.99 21.07
C5 MAN H . -12.80 38.92 19.57
C6 MAN H . -14.00 39.76 19.20
O2 MAN H . -9.93 40.27 20.81
O3 MAN H . -10.61 38.43 22.68
O4 MAN H . -13.51 38.34 21.77
O5 MAN H . -11.70 39.36 18.71
O6 MAN H . -14.53 39.36 17.95
C1 MAN H . -8.65 40.96 20.75
C2 MAN H . -8.83 42.39 21.27
C3 MAN H . -9.61 43.28 20.31
C4 MAN H . -9.17 43.10 18.85
C5 MAN H . -8.95 41.63 18.47
C6 MAN H . -8.28 41.43 17.12
O2 MAN H . -7.57 42.99 21.53
O3 MAN H . -9.42 44.64 20.68
O4 MAN H . -10.20 43.64 18.00
O5 MAN H . -8.09 41.00 19.44
O6 MAN H . -9.20 41.40 16.04
CA CA I . -24.86 -11.79 -24.25
MN MN J . -24.51 -12.73 -20.29
C1 HEX K . -5.41 -7.32 -2.27
C2 HEX K . -6.80 -7.01 -1.67
C3 HEX K . -7.57 -8.22 -1.12
C4 HEX K . -9.06 -8.30 -1.47
C5 HEX K . -10.12 -8.33 -0.37
C6 HEX K . -10.88 -7.03 -0.12
CA CA L . 35.54 -6.96 -8.79
MN MN M . 33.80 -3.25 -8.05
C1 HEX N . 8.37 3.94 -5.30
C2 HEX N . 8.24 4.28 -3.84
C3 HEX N . 9.60 4.50 -3.20
C4 HEX N . 10.20 5.86 -3.42
C5 HEX N . 11.67 5.95 -3.14
C6 HEX N . 12.04 6.62 -1.84
CA CA O . -35.08 4.79 10.18
MN MN P . -33.21 6.04 6.72
C1 HEX Q . -11.44 4.78 -4.54
C2 HEX Q . -11.04 5.79 -3.48
C3 HEX Q . -9.55 5.80 -3.19
C4 HEX Q . -9.19 5.55 -1.78
C5 HEX Q . -7.72 5.34 -1.45
C6 HEX Q . -7.40 6.23 -0.27
C1 HEX R . -10.03 -2.48 -0.78
C2 HEX R . -10.01 -2.35 0.72
C3 HEX R . -10.62 -1.05 1.18
C4 HEX R . -10.51 -0.78 2.66
C5 HEX R . -9.36 0.16 3.03
C6 HEX R . -8.03 -0.18 2.31
CA CA S . 25.15 14.01 23.46
MN MN T . 24.87 10.09 22.15
C1 HEX U . 11.68 -3.97 7.72
C2 HEX U . 10.46 -3.39 8.33
C3 HEX U . 9.31 -3.28 7.36
C4 HEX U . 7.98 -3.10 8.05
C5 HEX U . 6.85 -2.58 7.19
C6 HEX U . 5.62 -2.20 7.99
#